data_7RCT
#
_entry.id   7RCT
#
_cell.length_a   45.790
_cell.length_b   213.780
_cell.length_c   55.850
_cell.angle_alpha   90.000
_cell.angle_beta   96.830
_cell.angle_gamma   90.000
#
_symmetry.space_group_name_H-M   'P 1 21 1'
#
loop_
_entity.id
_entity.type
_entity.pdbx_description
1 polymer 'Tyrosine-protein phosphatase non-receptor type 11'
2 non-polymer {3-[(3S,4S)-4-amino-3-methyl-2-oxa-8-azaspiro[4.5]decan-8-yl]-6-(2,3-dichlorophenyl)-5-methylpyrazin-2-yl}methanol
3 non-polymer 'CHLORIDE ION'
4 water water
#
_entity_poly.entity_id   1
_entity_poly.type   'polypeptide(L)'
_entity_poly.pdbx_seq_one_letter_code
;MTSRRWFHPNITGVEAENLLLTRGVDGSFLARPSKSNPGDFTLSVRRNGAVTHIKIQNTGDYYDLYGGEKFATLAELVQY
YMEHHGQLKEKNGDVIELKYPLNCADPTSERWFHGHLSGKEAEKLLTEKGKHGSFLVRESQSHPGDFVLSVRTGDDKGES
NDGKSKVTHVMIRCQELKYDVGGGERFDSLTDLVEHYKKNPMVETLGTVLQLKQPLNTTRINAAEIESRVRELSKLAETT
DKVKQGFWEEFETLQQQECKLLYSRKEGQRQENKNKNRYKNILPFDHTRVVLHDGDPNEPVSDYINANIIMPEFETKCNN
SKPKKSYIATQGCLQNTVNDFWRMVFQENSRVIVMTTKEVERGKSKCVKYWPDEYALKEYGVMRVRNVKESAAHDYTLRE
LKLSKVGQGNTERTVWQYHFRTWPDHGVPSDPGGVLDFLEEVHHKQESIMDAGPVVVHCSAGIGRTGTFIVIDILIDIIR
EKGVDCDIDVPKTIQMVRSQRSGMVQTEAQYRFIYMAVQHYIETL
;
_entity_poly.pdbx_strand_id   B,A
#
loop_
_chem_comp.id
_chem_comp.type
_chem_comp.name
_chem_comp.formula
4Q4 non-polymer {3-[(3S,4S)-4-amino-3-methyl-2-oxa-8-azaspiro[4.5]decan-8-yl]-6-(2,3-dichlorophenyl)-5-methylpyrazin-2-yl}methanol 'C21 H26 Cl2 N4 O2'
CL non-polymer 'CHLORIDE ION' 'Cl -1'
#
# COMPACT_ATOMS: atom_id res chain seq x y z
N SER A 3 8.57 24.39 -32.67
CA SER A 3 9.38 25.08 -31.68
C SER A 3 9.97 24.10 -30.67
N ARG A 4 10.21 22.86 -31.10
CA ARG A 4 10.91 21.87 -30.29
C ARG A 4 12.31 21.57 -30.82
N ARG A 5 12.87 22.48 -31.64
CA ARG A 5 14.20 22.29 -32.18
C ARG A 5 15.27 22.25 -31.08
N TRP A 6 14.96 22.70 -29.87
CA TRP A 6 15.92 22.65 -28.79
C TRP A 6 16.21 21.24 -28.30
N PHE A 7 15.50 20.23 -28.78
CA PHE A 7 15.81 18.85 -28.41
C PHE A 7 16.70 18.22 -29.48
N HIS A 8 17.86 17.73 -29.04
CA HIS A 8 18.82 17.11 -29.94
C HIS A 8 18.91 15.62 -29.62
N PRO A 9 18.39 14.74 -30.47
CA PRO A 9 18.32 13.31 -30.08
C PRO A 9 19.64 12.55 -30.17
N ASN A 10 20.60 13.00 -30.98
CA ASN A 10 21.82 12.26 -31.28
C ASN A 10 23.06 13.04 -30.88
N ILE A 11 22.98 13.79 -29.80
CA ILE A 11 24.09 14.61 -29.36
C ILE A 11 24.63 14.05 -28.05
N THR A 12 25.94 14.17 -27.87
CA THR A 12 26.60 13.76 -26.64
C THR A 12 26.78 14.97 -25.72
N GLY A 13 27.21 14.68 -24.49
CA GLY A 13 27.48 15.76 -23.55
C GLY A 13 28.62 16.65 -24.00
N VAL A 14 29.66 16.05 -24.59
CA VAL A 14 30.75 16.85 -25.13
C VAL A 14 30.26 17.75 -26.25
N GLU A 15 29.54 17.16 -27.22
CA GLU A 15 29.03 17.93 -28.35
C GLU A 15 28.06 19.02 -27.90
N ALA A 16 27.26 18.74 -26.86
CA ALA A 16 26.35 19.73 -26.32
C ALA A 16 27.11 20.94 -25.80
N GLU A 17 28.14 20.70 -24.99
CA GLU A 17 28.90 21.80 -24.40
C GLU A 17 29.56 22.64 -25.48
N ASN A 18 30.25 21.98 -26.42
CA ASN A 18 30.92 22.69 -27.49
C ASN A 18 29.93 23.48 -28.34
N LEU A 19 28.74 22.91 -28.56
CA LEU A 19 27.71 23.61 -29.31
C LEU A 19 27.23 24.86 -28.57
N LEU A 20 26.99 24.76 -27.27
CA LEU A 20 26.57 25.94 -26.52
C LEU A 20 27.70 26.97 -26.43
N LEU A 21 28.94 26.51 -26.34
CA LEU A 21 30.07 27.41 -26.11
C LEU A 21 30.51 28.11 -27.38
N THR A 22 30.37 27.46 -28.54
CA THR A 22 30.79 28.03 -29.81
C THR A 22 29.66 28.60 -30.63
N ARG A 23 28.45 28.05 -30.53
CA ARG A 23 27.32 28.51 -31.34
C ARG A 23 26.23 29.17 -30.51
N GLY A 24 26.35 29.19 -29.18
CA GLY A 24 25.36 29.82 -28.33
C GLY A 24 25.94 30.98 -27.54
N VAL A 25 25.05 31.63 -26.79
CA VAL A 25 25.42 32.71 -25.89
C VAL A 25 24.85 32.39 -24.51
N ASP A 26 25.12 33.27 -23.55
CA ASP A 26 24.58 33.09 -22.21
C ASP A 26 23.05 33.13 -22.27
N GLY A 27 22.41 32.10 -21.72
CA GLY A 27 20.98 31.93 -21.87
C GLY A 27 20.57 30.93 -22.91
N SER A 28 21.51 30.44 -23.72
CA SER A 28 21.20 29.38 -24.66
C SER A 28 21.02 28.05 -23.93
N PHE A 29 20.27 27.15 -24.55
CA PHE A 29 19.97 25.89 -23.87
C PHE A 29 19.53 24.87 -24.91
N LEU A 30 19.70 23.60 -24.56
CA LEU A 30 19.15 22.50 -25.33
C LEU A 30 18.85 21.36 -24.37
N ALA A 31 18.07 20.39 -24.85
CA ALA A 31 17.80 19.19 -24.08
C ALA A 31 18.24 17.99 -24.90
N ARG A 32 18.59 16.90 -24.22
CA ARG A 32 19.14 15.75 -24.92
C ARG A 32 18.90 14.49 -24.11
N PRO A 33 18.80 13.33 -24.76
CA PRO A 33 18.68 12.08 -24.02
C PRO A 33 20.03 11.50 -23.65
N SER A 34 20.03 10.73 -22.57
CA SER A 34 21.12 9.78 -22.31
C SER A 34 20.73 8.49 -23.02
N LYS A 35 21.40 8.19 -24.14
CA LYS A 35 21.01 7.09 -25.00
C LYS A 35 21.09 5.74 -24.27
N SER A 36 22.11 5.57 -23.44
CA SER A 36 22.28 4.29 -22.74
C SER A 36 21.25 4.12 -21.63
N ASN A 37 20.99 5.19 -20.86
CA ASN A 37 20.10 5.12 -19.72
C ASN A 37 18.71 5.59 -20.11
N PRO A 38 17.74 4.69 -20.30
CA PRO A 38 16.41 5.11 -20.75
C PRO A 38 15.70 5.94 -19.69
N GLY A 39 14.91 6.90 -20.16
CA GLY A 39 14.20 7.81 -19.28
C GLY A 39 15.04 8.89 -18.65
N ASP A 40 16.33 8.96 -18.97
CA ASP A 40 17.21 10.01 -18.48
C ASP A 40 17.40 11.06 -19.57
N PHE A 41 17.22 12.32 -19.20
CA PHE A 41 17.45 13.43 -20.11
C PHE A 41 18.26 14.48 -19.39
N THR A 42 18.88 15.37 -20.17
CA THR A 42 19.72 16.42 -19.63
C THR A 42 19.28 17.75 -20.23
N LEU A 43 19.14 18.76 -19.38
CA LEU A 43 18.92 20.12 -19.83
C LEU A 43 20.26 20.84 -19.72
N SER A 44 20.87 21.16 -20.85
CA SER A 44 22.17 21.84 -20.87
C SER A 44 21.98 23.32 -21.15
N VAL A 45 22.46 24.17 -20.24
CA VAL A 45 22.23 25.61 -20.29
C VAL A 45 23.57 26.33 -20.20
N ARG A 46 23.77 27.33 -21.07
CA ARG A 46 24.95 28.18 -20.95
C ARG A 46 24.65 29.35 -20.03
N ARG A 47 25.54 29.58 -19.07
CA ARG A 47 25.38 30.70 -18.14
C ARG A 47 26.75 31.17 -17.69
N ASN A 48 26.96 32.49 -17.69
CA ASN A 48 28.24 33.09 -17.29
C ASN A 48 29.42 32.48 -18.06
N GLY A 49 29.22 32.22 -19.35
CA GLY A 49 30.27 31.63 -20.14
C GLY A 49 30.55 30.16 -19.88
N ALA A 50 29.86 29.54 -18.93
CA ALA A 50 30.00 28.12 -18.66
C ALA A 50 28.67 27.41 -18.91
N VAL A 51 28.73 26.08 -19.01
CA VAL A 51 27.58 25.24 -19.35
C VAL A 51 27.21 24.39 -18.14
N THR A 52 25.95 24.51 -17.70
CA THR A 52 25.41 23.68 -16.64
C THR A 52 24.54 22.57 -17.23
N HIS A 53 24.63 21.39 -16.63
CA HIS A 53 23.82 20.25 -17.02
C HIS A 53 22.86 19.89 -15.90
N ILE A 54 21.57 19.82 -16.21
CA ILE A 54 20.53 19.55 -15.23
C ILE A 54 19.86 18.23 -15.60
N LYS A 55 19.79 17.32 -14.65
CA LYS A 55 19.22 16.01 -14.94
C LYS A 55 17.69 16.08 -14.95
N ILE A 56 17.09 15.41 -15.93
CA ILE A 56 15.66 15.18 -15.98
C ILE A 56 15.44 13.67 -16.00
N GLN A 57 14.63 13.17 -15.08
CA GLN A 57 14.37 11.74 -14.97
C GLN A 57 12.90 11.45 -15.22
N ASN A 58 12.64 10.39 -15.99
CA ASN A 58 11.27 9.90 -16.19
C ASN A 58 11.29 8.38 -16.07
N THR A 59 10.76 7.84 -14.96
CA THR A 59 10.61 6.40 -14.82
C THR A 59 9.29 5.88 -15.39
N GLY A 60 8.38 6.76 -15.76
CA GLY A 60 7.12 6.34 -16.35
C GLY A 60 5.94 7.18 -15.95
N ASP A 61 6.09 8.07 -14.97
CA ASP A 61 4.96 8.82 -14.44
C ASP A 61 4.97 10.30 -14.78
N TYR A 62 6.14 10.89 -14.98
CA TYR A 62 6.29 12.33 -15.25
C TYR A 62 7.77 12.60 -15.43
N TYR A 63 8.07 13.77 -16.01
CA TYR A 63 9.43 14.27 -16.09
C TYR A 63 9.78 14.97 -14.78
N ASP A 64 10.81 14.47 -14.09
CA ASP A 64 11.25 15.03 -12.83
C ASP A 64 12.56 15.81 -13.06
N LEU A 65 12.48 17.13 -13.02
CA LEU A 65 13.64 17.99 -13.27
C LEU A 65 14.36 18.25 -11.95
N TYR A 66 15.64 17.90 -11.89
CA TYR A 66 16.40 18.05 -10.66
C TYR A 66 16.46 19.53 -10.25
N GLY A 67 16.12 19.80 -9.00
CA GLY A 67 16.03 21.16 -8.52
C GLY A 67 14.83 21.94 -9.00
N GLY A 68 14.03 21.37 -9.90
CA GLY A 68 12.86 22.06 -10.40
C GLY A 68 11.59 21.32 -10.07
N GLU A 69 10.65 21.31 -11.00
CA GLU A 69 9.34 20.71 -10.77
C GLU A 69 9.15 19.51 -11.68
N LYS A 70 7.95 18.93 -11.62
CA LYS A 70 7.60 17.76 -12.39
C LYS A 70 6.62 18.18 -13.49
N PHE A 71 6.80 17.60 -14.68
CA PHE A 71 6.09 18.08 -15.87
C PHE A 71 5.55 16.90 -16.68
N ALA A 72 4.52 17.18 -17.48
CA ALA A 72 3.94 16.13 -18.32
C ALA A 72 4.70 15.94 -19.64
N THR A 73 5.35 16.98 -20.17
CA THR A 73 6.16 16.86 -21.38
C THR A 73 7.35 17.82 -21.29
N LEU A 74 8.40 17.52 -22.05
CA LEU A 74 9.55 18.42 -22.06
C LEU A 74 9.17 19.76 -22.66
N ALA A 75 8.26 19.78 -23.63
CA ALA A 75 7.80 21.07 -24.16
C ALA A 75 7.07 21.87 -23.09
N GLU A 76 6.20 21.22 -22.29
CA GLU A 76 5.57 21.98 -21.21
C GLU A 76 6.58 22.43 -20.18
N LEU A 77 7.63 21.63 -19.95
CA LEU A 77 8.71 22.05 -19.07
C LEU A 77 9.38 23.31 -19.60
N VAL A 78 9.81 23.27 -20.86
CA VAL A 78 10.54 24.40 -21.43
C VAL A 78 9.65 25.63 -21.50
N GLN A 79 8.39 25.45 -21.90
CA GLN A 79 7.46 26.57 -21.92
C GLN A 79 7.35 27.23 -20.55
N TYR A 80 7.37 26.43 -19.49
CA TYR A 80 7.15 26.93 -18.14
C TYR A 80 8.28 27.85 -17.70
N TYR A 81 9.53 27.43 -17.93
CA TYR A 81 10.68 28.20 -17.51
C TYR A 81 11.02 29.32 -18.49
N MET A 82 10.66 29.19 -19.78
CA MET A 82 10.79 30.31 -20.68
C MET A 82 9.76 31.40 -20.42
N GLU A 83 8.72 31.11 -19.64
CA GLU A 83 7.71 32.11 -19.29
C GLU A 83 7.62 32.41 -17.80
N HIS A 84 8.33 31.67 -16.94
CA HIS A 84 8.38 31.93 -15.50
C HIS A 84 9.85 32.01 -15.10
N HIS A 85 10.39 33.22 -15.09
CA HIS A 85 11.81 33.43 -14.85
C HIS A 85 12.13 33.39 -13.36
N GLY A 86 13.41 33.15 -13.06
CA GLY A 86 13.87 33.01 -11.69
C GLY A 86 13.45 31.75 -10.98
N GLN A 87 12.78 30.82 -11.66
CA GLN A 87 12.29 29.60 -11.05
C GLN A 87 13.33 28.47 -11.07
N LEU A 88 14.05 28.32 -12.17
CA LEU A 88 15.02 27.26 -12.27
C LEU A 88 16.30 27.66 -11.55
N LYS A 89 16.68 26.88 -10.53
CA LYS A 89 17.83 27.20 -9.69
C LYS A 89 18.85 26.07 -9.69
N GLU A 90 20.10 26.45 -9.44
CA GLU A 90 21.22 25.51 -9.40
C GLU A 90 21.04 24.44 -8.33
N ASN A 92 23.61 25.48 -6.24
CA ASN A 92 23.67 26.21 -4.98
C ASN A 92 22.53 27.21 -4.85
N GLY A 93 21.57 27.15 -5.77
CA GLY A 93 20.40 28.00 -5.70
C GLY A 93 20.41 29.23 -6.59
N ASP A 94 21.42 29.39 -7.43
CA ASP A 94 21.46 30.52 -8.35
C ASP A 94 20.48 30.28 -9.49
N VAL A 95 19.84 31.36 -9.95
CA VAL A 95 18.82 31.24 -10.99
C VAL A 95 19.47 30.93 -12.33
N ILE A 96 18.84 30.02 -13.06
CA ILE A 96 19.28 29.59 -14.39
C ILE A 96 18.22 30.03 -15.38
N GLU A 97 18.61 30.87 -16.35
CA GLU A 97 17.69 31.44 -17.32
C GLU A 97 17.68 30.61 -18.60
N LEU A 98 16.49 30.29 -19.09
CA LEU A 98 16.32 29.66 -20.41
C LEU A 98 15.84 30.75 -21.35
N LYS A 99 16.74 31.22 -22.21
CA LYS A 99 16.43 32.38 -23.04
C LYS A 99 16.41 32.06 -24.52
N TYR A 100 17.43 31.35 -25.02
CA TYR A 100 17.62 31.14 -26.45
C TYR A 100 17.69 29.66 -26.75
N PRO A 101 16.65 29.06 -27.32
CA PRO A 101 16.75 27.65 -27.72
C PRO A 101 17.85 27.49 -28.77
N LEU A 102 18.70 26.48 -28.59
CA LEU A 102 19.72 26.19 -29.59
C LEU A 102 19.15 25.14 -30.52
N ASN A 103 18.84 25.56 -31.74
CA ASN A 103 18.05 24.73 -32.65
C ASN A 103 18.89 23.60 -33.23
N CYS A 104 18.30 22.42 -33.30
CA CYS A 104 18.95 21.26 -33.88
CA CYS A 104 18.91 21.24 -33.87
C CYS A 104 18.71 21.21 -35.37
N ALA A 105 19.71 20.69 -36.09
CA ALA A 105 19.61 20.54 -37.54
C ALA A 105 19.47 19.10 -37.98
N ASP A 106 19.55 18.16 -37.05
CA ASP A 106 19.42 16.74 -37.32
C ASP A 106 18.00 16.42 -37.79
N PRO A 107 17.81 15.81 -38.96
CA PRO A 107 16.45 15.51 -39.42
C PRO A 107 15.89 14.19 -38.89
N THR A 108 16.65 13.48 -38.05
CA THR A 108 16.31 12.12 -37.62
C THR A 108 14.86 12.01 -37.15
N SER A 109 14.43 12.92 -36.28
CA SER A 109 13.12 12.81 -35.65
C SER A 109 12.02 13.55 -36.43
N GLU A 110 12.27 13.93 -37.68
CA GLU A 110 11.22 14.54 -38.48
C GLU A 110 10.31 13.47 -39.04
N ARG A 111 9.03 13.80 -39.14
CA ARG A 111 8.04 12.83 -39.56
C ARG A 111 8.23 12.41 -41.01
N TRP A 112 8.81 13.28 -41.85
CA TRP A 112 9.00 13.04 -43.27
C TRP A 112 10.36 12.42 -43.62
N PHE A 113 11.26 12.25 -42.65
CA PHE A 113 12.62 11.82 -42.95
C PHE A 113 12.77 10.31 -42.79
N HIS A 114 13.27 9.66 -43.84
CA HIS A 114 13.41 8.21 -43.81
C HIS A 114 14.84 7.72 -43.99
N GLY A 115 15.83 8.59 -43.87
CA GLY A 115 17.21 8.14 -43.78
C GLY A 115 17.63 7.33 -45.00
N HIS A 116 18.27 6.20 -44.75
CA HIS A 116 18.71 5.31 -45.83
C HIS A 116 17.51 4.52 -46.33
N LEU A 117 16.90 5.04 -47.39
CA LEU A 117 15.77 4.41 -48.08
C LEU A 117 16.00 4.62 -49.56
N SER A 118 15.89 3.55 -50.34
CA SER A 118 16.21 3.62 -51.76
C SER A 118 15.09 4.28 -52.56
N GLY A 119 15.45 4.82 -53.72
CA GLY A 119 14.45 5.40 -54.60
C GLY A 119 13.38 4.42 -55.00
N LYS A 120 13.76 3.15 -55.19
CA LYS A 120 12.77 2.13 -55.53
C LYS A 120 11.78 1.91 -54.40
N GLU A 121 12.27 1.81 -53.16
CA GLU A 121 11.39 1.66 -52.01
C GLU A 121 10.52 2.89 -51.81
N ALA A 122 11.09 4.09 -51.99
CA ALA A 122 10.33 5.31 -51.79
C ALA A 122 9.15 5.41 -52.75
N GLU A 123 9.33 4.97 -54.00
CA GLU A 123 8.23 5.03 -54.96
C GLU A 123 7.13 4.02 -54.63
N LYS A 124 7.51 2.78 -54.30
CA LYS A 124 6.52 1.77 -53.93
C LYS A 124 5.66 2.25 -52.75
N LEU A 125 6.31 2.75 -51.69
CA LEU A 125 5.59 3.26 -50.53
C LEU A 125 4.63 4.38 -50.91
N LEU A 126 5.12 5.39 -51.65
CA LEU A 126 4.24 6.46 -52.10
C LEU A 126 3.10 5.93 -52.96
N THR A 127 3.36 4.90 -53.76
CA THR A 127 2.32 4.34 -54.62
C THR A 127 1.29 3.54 -53.84
N GLU A 128 1.74 2.71 -52.89
CA GLU A 128 0.85 1.83 -52.15
C GLU A 128 0.26 2.46 -50.90
N LYS A 129 0.84 3.54 -50.38
CA LYS A 129 0.38 4.14 -49.13
C LYS A 129 0.08 5.63 -49.22
N GLY A 130 0.56 6.33 -50.27
CA GLY A 130 0.45 7.77 -50.32
C GLY A 130 -0.81 8.24 -51.00
N LYS A 131 -1.03 9.54 -50.92
CA LYS A 131 -2.10 10.22 -51.63
C LYS A 131 -1.53 11.54 -52.15
N HIS A 132 -2.37 12.34 -52.79
CA HIS A 132 -1.92 13.62 -53.31
C HIS A 132 -1.28 14.45 -52.20
N GLY A 133 -0.05 14.90 -52.43
CA GLY A 133 0.67 15.71 -51.47
C GLY A 133 1.48 14.96 -50.43
N SER A 134 1.40 13.62 -50.41
CA SER A 134 2.27 12.85 -49.53
C SER A 134 3.71 12.94 -50.02
N PHE A 135 4.63 13.15 -49.08
CA PHE A 135 6.04 13.34 -49.41
C PHE A 135 6.92 12.75 -48.32
N LEU A 136 8.19 12.58 -48.68
CA LEU A 136 9.21 12.08 -47.77
C LEU A 136 10.56 12.59 -48.27
N VAL A 137 11.55 12.56 -47.38
CA VAL A 137 12.93 12.89 -47.74
C VAL A 137 13.81 11.73 -47.34
N ARG A 138 14.69 11.32 -48.26
CA ARG A 138 15.61 10.23 -48.04
C ARG A 138 17.03 10.68 -48.37
N GLU A 139 17.99 9.94 -47.82
CA GLU A 139 19.39 10.17 -48.14
C GLU A 139 19.69 9.65 -49.54
N SER A 140 20.50 10.42 -50.28
CA SER A 140 20.82 10.05 -51.66
C SER A 140 21.67 8.79 -51.71
N GLN A 141 21.33 7.92 -52.67
CA GLN A 141 22.07 6.69 -52.90
C GLN A 141 23.29 6.91 -53.79
N SER A 142 23.24 7.90 -54.69
CA SER A 142 24.35 8.14 -55.61
C SER A 142 25.42 9.01 -54.97
N HIS A 143 25.01 10.12 -54.36
CA HIS A 143 25.95 11.10 -53.81
C HIS A 143 25.77 11.19 -52.30
N PRO A 144 26.66 10.60 -51.52
CA PRO A 144 26.56 10.71 -50.05
C PRO A 144 26.65 12.16 -49.60
N GLY A 145 25.76 12.53 -48.68
CA GLY A 145 25.60 13.88 -48.23
C GLY A 145 24.42 14.61 -48.83
N ASP A 146 23.98 14.20 -50.02
CA ASP A 146 22.80 14.76 -50.67
C ASP A 146 21.55 13.99 -50.26
N PHE A 147 20.40 14.52 -50.67
CA PHE A 147 19.12 13.95 -50.30
C PHE A 147 18.19 14.02 -51.50
N VAL A 148 17.05 13.34 -51.38
CA VAL A 148 16.02 13.34 -52.41
C VAL A 148 14.68 13.56 -51.75
N LEU A 149 13.91 14.50 -52.29
CA LEU A 149 12.55 14.77 -51.86
C LEU A 149 11.61 14.13 -52.88
N SER A 150 10.81 13.17 -52.44
CA SER A 150 9.86 12.50 -53.32
C SER A 150 8.45 12.88 -52.92
N VAL A 151 7.66 13.28 -53.91
CA VAL A 151 6.32 13.81 -53.69
C VAL A 151 5.36 13.09 -54.61
N ARG A 152 4.18 12.78 -54.09
CA ARG A 152 3.10 12.24 -54.90
C ARG A 152 2.09 13.34 -55.15
N THR A 153 1.66 13.49 -56.40
CA THR A 153 0.60 14.42 -56.76
C THR A 153 -0.38 13.70 -57.68
N GLY A 154 -1.64 14.12 -57.65
CA GLY A 154 -2.59 13.63 -58.61
C GLY A 154 -4.00 13.59 -58.04
N ASP A 155 -4.85 12.84 -58.73
CA ASP A 155 -6.26 12.69 -58.38
C ASP A 155 -6.43 11.43 -57.55
N ASP A 156 -7.03 11.57 -56.37
CA ASP A 156 -7.23 10.44 -55.47
C ASP A 156 -8.55 9.72 -55.72
N LYS A 157 -9.22 10.00 -56.82
CA LYS A 157 -10.50 9.35 -57.12
C LYS A 157 -10.32 8.13 -58.02
N ASN A 161 -1.64 2.67 -61.25
CA ASN A 161 -3.07 2.60 -61.48
C ASN A 161 -3.43 3.08 -62.89
N ASP A 162 -4.17 4.20 -62.96
CA ASP A 162 -4.72 4.72 -64.21
C ASP A 162 -3.95 5.92 -64.75
N GLY A 163 -2.78 6.22 -64.21
CA GLY A 163 -1.98 7.35 -64.69
C GLY A 163 -2.42 8.71 -64.20
N LYS A 164 -3.46 8.79 -63.36
CA LYS A 164 -3.96 10.05 -62.84
C LYS A 164 -3.08 10.62 -61.72
N SER A 165 -2.13 9.85 -61.21
CA SER A 165 -1.21 10.30 -60.17
C SER A 165 0.21 9.96 -60.59
N LYS A 166 1.17 10.64 -59.96
CA LYS A 166 2.58 10.45 -60.28
C LYS A 166 3.41 10.74 -59.05
N VAL A 167 4.68 10.34 -59.13
CA VAL A 167 5.68 10.62 -58.11
C VAL A 167 6.77 11.44 -58.76
N THR A 168 7.16 12.55 -58.12
CA THR A 168 8.23 13.42 -58.59
C THR A 168 9.35 13.42 -57.56
N HIS A 169 10.59 13.28 -58.05
CA HIS A 169 11.78 13.31 -57.20
C HIS A 169 12.51 14.63 -57.40
N VAL A 170 12.89 15.27 -56.28
CA VAL A 170 13.61 16.54 -56.29
C VAL A 170 14.94 16.32 -55.59
N MET A 171 16.03 16.61 -56.29
CA MET A 171 17.36 16.41 -55.74
C MET A 171 17.70 17.54 -54.79
N ILE A 172 18.22 17.21 -53.62
CA ILE A 172 18.65 18.18 -52.63
C ILE A 172 20.16 18.03 -52.49
N ARG A 173 20.91 19.07 -52.89
CA ARG A 173 22.35 19.05 -52.80
C ARG A 173 22.81 19.67 -51.49
N CYS A 174 23.94 19.16 -50.98
CA CYS A 174 24.63 19.76 -49.84
C CYS A 174 25.91 20.39 -50.37
N GLN A 175 25.98 21.72 -50.29
CA GLN A 175 27.11 22.49 -50.79
C GLN A 175 27.53 23.43 -49.68
N GLU A 176 28.70 23.18 -49.09
CA GLU A 176 29.24 23.97 -47.99
C GLU A 176 28.24 24.05 -46.83
N LEU A 177 27.77 22.88 -46.41
CA LEU A 177 26.91 22.70 -45.23
C LEU A 177 25.53 23.35 -45.38
N LYS A 178 25.13 23.72 -46.59
CA LYS A 178 23.79 24.22 -46.84
C LYS A 178 23.10 23.37 -47.90
N TYR A 179 21.77 23.36 -47.87
CA TYR A 179 20.96 22.53 -48.75
C TYR A 179 20.14 23.39 -49.71
N ASP A 180 20.02 22.92 -50.94
CA ASP A 180 19.21 23.61 -51.95
C ASP A 180 18.68 22.60 -52.96
N VAL A 181 17.61 22.99 -53.65
CA VAL A 181 17.01 22.17 -54.68
C VAL A 181 17.46 22.62 -56.07
N GLY A 182 18.68 23.17 -56.16
CA GLY A 182 19.28 23.49 -57.44
C GLY A 182 19.26 24.96 -57.81
N GLY A 183 18.59 25.78 -57.02
CA GLY A 183 18.52 27.21 -57.28
C GLY A 183 17.78 27.86 -56.13
N GLY A 184 17.93 29.17 -56.03
CA GLY A 184 17.20 29.94 -55.04
C GLY A 184 17.91 29.97 -53.71
N GLU A 185 17.15 29.75 -52.63
CA GLU A 185 17.69 29.91 -51.29
C GLU A 185 18.48 28.68 -50.88
N ARG A 186 19.47 28.91 -50.01
CA ARG A 186 20.29 27.84 -49.45
C ARG A 186 20.00 27.77 -47.96
N PHE A 187 19.64 26.59 -47.48
CA PHE A 187 19.13 26.44 -46.12
C PHE A 187 20.15 25.76 -45.21
N ASP A 188 20.11 26.14 -43.92
CA ASP A 188 21.03 25.59 -42.95
C ASP A 188 20.68 24.16 -42.53
N SER A 189 19.48 23.69 -42.83
CA SER A 189 19.08 22.33 -42.48
C SER A 189 18.02 21.86 -43.45
N LEU A 190 17.83 20.54 -43.50
CA LEU A 190 16.77 19.97 -44.31
C LEU A 190 15.40 20.47 -43.86
N THR A 191 15.22 20.63 -42.54
CA THR A 191 13.92 21.06 -42.01
C THR A 191 13.56 22.45 -42.51
N ASP A 192 14.52 23.38 -42.49
CA ASP A 192 14.26 24.71 -43.05
C ASP A 192 13.88 24.61 -44.51
N LEU A 193 14.60 23.80 -45.28
CA LEU A 193 14.27 23.63 -46.70
C LEU A 193 12.85 23.12 -46.86
N VAL A 194 12.48 22.07 -46.11
CA VAL A 194 11.16 21.48 -46.26
C VAL A 194 10.07 22.47 -45.84
N GLU A 195 10.27 23.17 -44.73
CA GLU A 195 9.26 24.13 -44.28
C GLU A 195 9.10 25.24 -45.31
N HIS A 196 10.20 25.69 -45.91
CA HIS A 196 10.11 26.72 -46.93
C HIS A 196 9.26 26.26 -48.11
N TYR A 197 9.54 25.06 -48.63
CA TYR A 197 8.81 24.59 -49.81
C TYR A 197 7.45 23.98 -49.46
N LYS A 198 7.12 23.85 -48.17
CA LYS A 198 5.73 23.62 -47.77
C LYS A 198 4.92 24.91 -47.89
N LYS A 199 5.51 26.04 -47.53
CA LYS A 199 4.79 27.32 -47.63
C LYS A 199 4.85 27.90 -49.03
N ASN A 200 5.94 27.69 -49.76
CA ASN A 200 6.14 28.20 -51.11
C ASN A 200 6.40 27.03 -52.05
N PRO A 201 5.35 26.35 -52.51
CA PRO A 201 5.53 25.09 -53.26
C PRO A 201 6.28 25.29 -54.57
N MET A 202 7.15 24.34 -54.89
CA MET A 202 7.78 24.30 -56.20
C MET A 202 6.72 24.02 -57.27
N VAL A 203 6.83 24.73 -58.39
CA VAL A 203 5.94 24.53 -59.54
C VAL A 203 6.77 24.00 -60.70
N GLU A 204 6.37 22.85 -61.22
CA GLU A 204 7.07 22.25 -62.34
C GLU A 204 6.75 22.97 -63.64
N THR A 205 7.65 22.84 -64.59
CA THR A 205 7.35 23.29 -65.95
C THR A 205 6.13 22.53 -66.46
N LEU A 206 5.12 23.30 -66.88
CA LEU A 206 3.79 22.90 -67.36
C LEU A 206 2.76 22.95 -66.24
N GLY A 207 3.14 23.30 -65.01
CA GLY A 207 2.19 23.78 -64.03
C GLY A 207 1.92 22.91 -62.82
N THR A 208 2.49 21.69 -62.74
CA THR A 208 2.24 20.85 -61.58
C THR A 208 2.81 21.50 -60.31
N VAL A 209 1.93 21.75 -59.33
CA VAL A 209 2.35 22.30 -58.05
C VAL A 209 2.74 21.14 -57.14
N LEU A 210 4.02 21.10 -56.73
CA LEU A 210 4.54 20.00 -55.93
C LEU A 210 4.22 20.26 -54.46
N GLN A 211 2.93 20.14 -54.15
CA GLN A 211 2.43 20.47 -52.83
C GLN A 211 2.89 19.43 -51.83
N LEU A 212 3.51 19.89 -50.74
CA LEU A 212 3.94 19.01 -49.66
C LEU A 212 2.83 19.04 -48.60
N LYS A 213 1.84 18.16 -48.78
CA LYS A 213 0.61 18.25 -47.99
C LYS A 213 0.76 17.54 -46.65
N GLN A 214 1.34 16.33 -46.65
CA GLN A 214 1.52 15.59 -45.41
C GLN A 214 2.66 14.61 -45.60
N PRO A 215 3.44 14.35 -44.56
CA PRO A 215 4.44 13.28 -44.65
C PRO A 215 3.75 11.97 -44.95
N LEU A 216 4.46 11.10 -45.67
CA LEU A 216 3.94 9.77 -46.00
C LEU A 216 3.62 8.99 -44.73
N ASN A 217 2.41 8.43 -44.65
CA ASN A 217 2.04 7.58 -43.51
C ASN A 217 2.72 6.22 -43.67
N THR A 218 3.74 5.95 -42.87
CA THR A 218 4.37 4.64 -42.85
C THR A 218 4.12 3.88 -41.56
N THR A 219 3.48 4.50 -40.56
CA THR A 219 3.24 3.83 -39.29
C THR A 219 1.89 3.10 -39.24
N ARG A 220 0.96 3.44 -40.12
CA ARG A 220 -0.32 2.74 -40.21
C ARG A 220 -0.10 1.43 -40.94
N ILE A 221 -0.31 0.31 -40.24
CA ILE A 221 -0.05 -1.01 -40.79
C ILE A 221 -1.24 -1.92 -40.52
N ASN A 222 -1.34 -2.97 -41.32
CA ASN A 222 -2.36 -3.97 -41.08
C ASN A 222 -1.99 -4.79 -39.85
N ALA A 223 -3.02 -5.18 -39.07
CA ALA A 223 -2.81 -5.83 -37.78
C ALA A 223 -1.95 -7.08 -37.89
N ALA A 224 -2.13 -7.86 -38.97
CA ALA A 224 -1.29 -9.03 -39.19
C ALA A 224 0.17 -8.67 -39.46
N GLU A 225 0.44 -7.43 -39.89
CA GLU A 225 1.81 -7.00 -40.12
C GLU A 225 2.51 -6.58 -38.85
N ILE A 226 1.83 -6.60 -37.69
CA ILE A 226 2.42 -6.05 -36.46
C ILE A 226 3.68 -6.82 -36.09
N GLU A 227 3.64 -8.15 -36.19
CA GLU A 227 4.81 -8.94 -35.80
C GLU A 227 6.03 -8.54 -36.60
N SER A 228 5.88 -8.38 -37.92
CA SER A 228 7.00 -7.96 -38.74
C SER A 228 7.47 -6.56 -38.38
N ARG A 229 6.52 -5.65 -38.14
CA ARG A 229 6.90 -4.30 -37.74
C ARG A 229 7.66 -4.31 -36.42
N VAL A 230 7.20 -5.10 -35.45
CA VAL A 230 7.91 -5.13 -34.17
C VAL A 230 9.31 -5.67 -34.35
N ARG A 231 9.48 -6.63 -35.27
CA ARG A 231 10.81 -7.16 -35.55
C ARG A 231 11.70 -6.09 -36.18
N GLU A 232 11.19 -5.36 -37.18
CA GLU A 232 11.95 -4.26 -37.74
C GLU A 232 12.29 -3.23 -36.68
N LEU A 233 11.28 -2.79 -35.91
CA LEU A 233 11.52 -1.77 -34.90
C LEU A 233 12.47 -2.23 -33.81
N SER A 234 12.62 -3.55 -33.61
CA SER A 234 13.49 -4.11 -32.57
C SER A 234 14.94 -4.23 -32.99
N LYS A 235 15.25 -4.13 -34.28
CA LYS A 235 16.63 -4.26 -34.72
C LYS A 235 17.52 -3.23 -34.04
N LEU A 236 18.69 -3.68 -33.60
CA LEU A 236 19.66 -2.81 -32.94
C LEU A 236 20.44 -1.97 -33.95
N GLN A 245 17.87 1.54 -32.14
CA GLN A 245 16.67 0.73 -32.29
C GLN A 245 15.56 1.54 -32.98
N GLY A 246 14.88 0.92 -33.94
CA GLY A 246 13.83 1.61 -34.68
C GLY A 246 12.68 2.08 -33.79
N PHE A 247 12.46 1.41 -32.66
CA PHE A 247 11.50 1.89 -31.68
C PHE A 247 11.86 3.28 -31.18
N TRP A 248 13.14 3.51 -30.88
CA TRP A 248 13.56 4.79 -30.33
C TRP A 248 13.36 5.92 -31.33
N GLU A 249 13.77 5.69 -32.58
CA GLU A 249 13.62 6.73 -33.61
C GLU A 249 12.15 7.06 -33.83
N GLU A 250 11.27 6.06 -33.83
CA GLU A 250 9.86 6.36 -34.05
C GLU A 250 9.26 7.08 -32.84
N PHE A 251 9.64 6.68 -31.61
CA PHE A 251 9.14 7.37 -30.42
C PHE A 251 9.58 8.82 -30.39
N GLU A 252 10.86 9.09 -30.65
CA GLU A 252 11.31 10.48 -30.63
C GLU A 252 10.75 11.29 -31.80
N THR A 253 10.36 10.65 -32.90
CA THR A 253 9.61 11.35 -33.94
C THR A 253 8.24 11.77 -33.42
N LEU A 254 7.59 10.88 -32.67
CA LEU A 254 6.32 11.24 -32.02
C LEU A 254 6.52 12.35 -31.00
N GLN A 255 7.57 12.26 -30.19
CA GLN A 255 7.82 13.30 -29.20
C GLN A 255 8.04 14.66 -29.86
N GLN A 256 8.67 14.69 -31.03
CA GLN A 256 8.93 15.98 -31.67
C GLN A 256 7.64 16.74 -31.92
N GLN A 257 6.52 16.03 -32.10
CA GLN A 257 5.26 16.67 -32.43
C GLN A 257 4.47 17.12 -31.19
N GLU A 258 5.04 16.94 -30.00
CA GLU A 258 4.32 17.33 -28.80
C GLU A 258 4.19 18.85 -28.68
N CYS A 259 4.94 19.62 -29.46
CA CYS A 259 4.78 21.07 -29.44
CA CYS A 259 4.75 21.06 -29.39
C CYS A 259 3.46 21.52 -30.06
N LYS A 260 2.82 20.67 -30.85
CA LYS A 260 1.50 20.97 -31.40
C LYS A 260 0.40 20.88 -30.34
N LEU A 261 0.73 20.42 -29.14
CA LEU A 261 -0.28 20.05 -28.15
C LEU A 261 -0.22 20.94 -26.91
N LEU A 262 0.34 22.15 -27.03
CA LEU A 262 0.45 23.04 -25.88
C LEU A 262 -0.85 23.85 -25.70
N TYR A 263 -1.94 23.10 -25.48
CA TYR A 263 -3.25 23.73 -25.31
C TYR A 263 -3.36 24.33 -23.91
N SER A 264 -4.31 25.25 -23.76
CA SER A 264 -4.38 26.01 -22.53
C SER A 264 -4.87 25.13 -21.38
N ARG A 265 -4.35 25.42 -20.20
CA ARG A 265 -4.68 24.74 -18.94
C ARG A 265 -4.94 25.79 -17.87
N LYS A 266 -5.73 26.80 -18.23
CA LYS A 266 -5.93 27.96 -17.35
C LYS A 266 -6.70 27.59 -16.09
N GLU A 267 -7.74 26.76 -16.20
CA GLU A 267 -8.55 26.48 -15.01
C GLU A 267 -7.71 25.83 -13.92
N GLY A 268 -6.82 24.90 -14.28
CA GLY A 268 -6.03 24.23 -13.26
C GLY A 268 -4.98 25.11 -12.61
N GLN A 269 -4.68 26.25 -13.22
CA GLN A 269 -3.75 27.23 -12.68
C GLN A 269 -4.41 28.26 -11.78
N ARG A 270 -5.75 28.27 -11.68
CA ARG A 270 -6.42 29.25 -10.85
C ARG A 270 -6.08 29.02 -9.38
N GLN A 271 -5.97 30.13 -8.63
CA GLN A 271 -5.61 30.04 -7.21
C GLN A 271 -6.47 29.01 -6.49
N GLU A 272 -7.79 29.08 -6.66
CA GLU A 272 -8.69 28.18 -5.94
C GLU A 272 -8.48 26.71 -6.31
N ASN A 273 -7.81 26.44 -7.44
CA ASN A 273 -7.64 25.08 -7.92
C ASN A 273 -6.23 24.55 -7.73
N LYS A 274 -5.30 25.37 -7.25
CA LYS A 274 -3.89 24.94 -7.23
C LYS A 274 -3.68 23.69 -6.40
N ASN A 275 -4.30 23.63 -5.22
CA ASN A 275 -4.09 22.51 -4.31
CA ASN A 275 -4.09 22.51 -4.31
C ASN A 275 -5.01 21.33 -4.62
N LYS A 276 -5.69 21.35 -5.75
CA LYS A 276 -6.45 20.18 -6.21
C LYS A 276 -5.62 19.34 -7.18
N ASN A 277 -4.38 19.76 -7.45
CA ASN A 277 -3.48 19.09 -8.37
C ASN A 277 -2.41 18.35 -7.58
N ARG A 278 -2.17 17.09 -7.96
CA ARG A 278 -1.07 16.37 -7.33
C ARG A 278 0.26 17.03 -7.62
N TYR A 279 0.44 17.51 -8.84
CA TYR A 279 1.64 18.21 -9.27
C TYR A 279 1.20 19.50 -9.94
N LYS A 280 1.69 20.64 -9.44
CA LYS A 280 1.07 21.90 -9.82
C LYS A 280 1.19 22.22 -11.31
N ASN A 281 2.17 21.66 -12.01
CA ASN A 281 2.30 21.94 -13.44
C ASN A 281 1.81 20.80 -14.32
N ILE A 282 1.22 19.76 -13.76
CA ILE A 282 0.62 18.69 -14.56
C ILE A 282 -0.88 18.89 -14.46
N LEU A 283 -1.47 19.44 -15.52
CA LEU A 283 -2.78 20.06 -15.49
C LEU A 283 -3.65 19.58 -16.64
N PRO A 284 -4.97 19.55 -16.45
CA PRO A 284 -5.87 19.12 -17.53
C PRO A 284 -6.11 20.23 -18.54
N PHE A 285 -6.11 19.88 -19.83
CA PHE A 285 -6.49 20.87 -20.84
C PHE A 285 -7.89 21.39 -20.53
N ASP A 286 -8.07 22.71 -20.70
CA ASP A 286 -9.39 23.32 -20.50
C ASP A 286 -10.44 22.71 -21.42
N HIS A 287 -10.07 22.39 -22.66
CA HIS A 287 -11.11 22.04 -23.62
C HIS A 287 -11.62 20.61 -23.46
N THR A 288 -10.93 19.76 -22.69
CA THR A 288 -11.44 18.41 -22.44
C THR A 288 -11.59 18.08 -20.97
N ARG A 289 -11.39 19.05 -20.07
CA ARG A 289 -11.43 18.71 -18.64
C ARG A 289 -12.84 18.35 -18.23
N VAL A 290 -12.95 17.51 -17.20
CA VAL A 290 -14.26 17.16 -16.67
C VAL A 290 -14.76 18.33 -15.83
N VAL A 291 -15.88 18.92 -16.23
CA VAL A 291 -16.47 20.02 -15.47
C VAL A 291 -17.53 19.44 -14.53
N LEU A 292 -17.40 19.75 -13.24
CA LEU A 292 -18.30 19.24 -12.22
C LEU A 292 -19.38 20.28 -11.93
N HIS A 293 -20.63 19.86 -12.05
CA HIS A 293 -21.79 20.70 -11.81
C HIS A 293 -22.42 20.35 -10.47
N ASP A 294 -23.45 21.12 -10.09
CA ASP A 294 -24.22 20.86 -8.87
C ASP A 294 -23.35 20.95 -7.61
N GLY A 295 -22.29 21.74 -7.67
CA GLY A 295 -21.41 21.88 -6.53
C GLY A 295 -22.03 22.73 -5.43
N ASP A 296 -21.40 22.66 -4.26
CA ASP A 296 -21.81 23.46 -3.11
C ASP A 296 -21.94 24.93 -3.51
N PRO A 297 -23.12 25.53 -3.39
CA PRO A 297 -23.26 26.95 -3.77
C PRO A 297 -22.37 27.88 -2.99
N ASN A 298 -21.94 27.50 -1.78
CA ASN A 298 -21.08 28.30 -0.94
C ASN A 298 -19.59 28.11 -1.26
N GLU A 299 -19.25 27.23 -2.20
CA GLU A 299 -17.87 27.07 -2.63
C GLU A 299 -17.65 27.90 -3.88
N PRO A 300 -16.68 28.83 -3.87
CA PRO A 300 -16.54 29.73 -5.04
C PRO A 300 -16.22 29.00 -6.33
N VAL A 301 -15.22 28.11 -6.32
CA VAL A 301 -14.88 27.31 -7.48
C VAL A 301 -15.06 25.85 -7.08
N SER A 302 -16.12 25.22 -7.59
CA SER A 302 -16.42 23.84 -7.26
C SER A 302 -16.56 22.97 -8.50
N ASP A 303 -16.14 23.47 -9.68
CA ASP A 303 -16.33 22.74 -10.92
C ASP A 303 -15.05 22.05 -11.39
N TYR A 304 -14.03 21.96 -10.56
CA TYR A 304 -12.71 21.54 -11.01
C TYR A 304 -12.28 20.20 -10.43
N ILE A 305 -11.76 19.34 -11.31
CA ILE A 305 -10.98 18.17 -10.92
C ILE A 305 -9.88 17.97 -11.97
N ASN A 306 -8.74 17.46 -11.53
CA ASN A 306 -7.65 17.23 -12.47
C ASN A 306 -7.94 15.92 -13.20
N ALA A 307 -8.75 16.04 -14.26
CA ALA A 307 -9.27 14.91 -15.02
C ALA A 307 -9.65 15.38 -16.42
N ASN A 308 -9.52 14.49 -17.42
CA ASN A 308 -9.91 14.81 -18.79
C ASN A 308 -10.72 13.66 -19.40
N ILE A 309 -11.70 14.03 -20.22
CA ILE A 309 -12.40 13.05 -21.04
C ILE A 309 -11.47 12.64 -22.17
N ILE A 310 -11.36 11.33 -22.40
CA ILE A 310 -10.59 10.81 -23.53
C ILE A 310 -11.59 10.10 -24.44
N MET A 311 -11.85 10.68 -25.61
CA MET A 311 -12.79 10.14 -26.59
C MET A 311 -12.01 9.57 -27.74
N PRO A 312 -12.15 8.30 -28.09
CA PRO A 312 -11.45 7.77 -29.28
C PRO A 312 -12.00 8.43 -30.54
N GLU A 313 -11.10 8.90 -31.39
CA GLU A 313 -11.48 9.47 -32.68
C GLU A 313 -10.37 9.22 -33.70
N LYS A 324 -16.39 2.54 -29.07
CA LYS A 324 -17.62 3.21 -28.66
C LYS A 324 -17.49 3.65 -27.20
N LYS A 325 -16.43 3.15 -26.57
CA LYS A 325 -16.16 3.38 -25.15
C LYS A 325 -15.31 4.63 -25.01
N SER A 326 -15.61 5.45 -24.00
CA SER A 326 -14.76 6.59 -23.71
C SER A 326 -14.15 6.42 -22.31
N TYR A 327 -13.21 7.30 -21.97
CA TYR A 327 -12.49 7.18 -20.71
C TYR A 327 -12.42 8.52 -20.01
N ILE A 328 -12.16 8.46 -18.71
CA ILE A 328 -11.71 9.63 -17.96
C ILE A 328 -10.32 9.31 -17.44
N ALA A 329 -9.35 10.12 -17.82
CA ALA A 329 -7.98 9.97 -17.36
C ALA A 329 -7.77 10.97 -16.23
N THR A 330 -7.42 10.47 -15.05
CA THR A 330 -7.31 11.39 -13.93
C THR A 330 -6.20 10.93 -13.00
N GLN A 331 -5.83 11.82 -12.08
CA GLN A 331 -4.74 11.55 -11.16
C GLN A 331 -5.24 10.69 -9.99
N GLY A 332 -4.29 10.18 -9.21
CA GLY A 332 -4.63 9.68 -7.88
C GLY A 332 -5.15 10.81 -7.00
N CYS A 333 -6.14 10.48 -6.16
CA CYS A 333 -6.76 11.48 -5.32
C CYS A 333 -5.78 12.10 -4.33
N LEU A 334 -6.10 13.32 -3.92
CA LEU A 334 -5.59 13.93 -2.71
C LEU A 334 -6.68 13.85 -1.65
N GLN A 335 -6.28 14.00 -0.38
CA GLN A 335 -7.27 13.95 0.69
C GLN A 335 -8.39 14.95 0.42
N ASN A 336 -8.06 16.14 -0.08
CA ASN A 336 -9.05 17.18 -0.33
C ASN A 336 -9.71 17.08 -1.70
N THR A 337 -9.44 16.05 -2.50
CA THR A 337 -10.21 15.85 -3.74
C THR A 337 -10.98 14.53 -3.79
N VAL A 338 -10.95 13.73 -2.72
CA VAL A 338 -11.70 12.48 -2.70
C VAL A 338 -13.17 12.74 -2.96
N ASN A 339 -13.75 13.76 -2.30
CA ASN A 339 -15.18 14.05 -2.51
C ASN A 339 -15.44 14.43 -3.97
N ASP A 340 -14.54 15.22 -4.57
CA ASP A 340 -14.74 15.61 -5.97
C ASP A 340 -14.63 14.42 -6.90
N PHE A 341 -13.68 13.52 -6.64
CA PHE A 341 -13.61 12.29 -7.42
C PHE A 341 -14.95 11.56 -7.44
N TRP A 342 -15.59 11.40 -6.27
CA TRP A 342 -16.86 10.68 -6.27
C TRP A 342 -17.97 11.49 -6.93
N ARG A 343 -17.97 12.82 -6.77
CA ARG A 343 -18.90 13.64 -7.56
C ARG A 343 -18.71 13.39 -9.05
N MET A 344 -17.47 13.21 -9.49
CA MET A 344 -17.21 12.97 -10.91
C MET A 344 -17.73 11.60 -11.34
N VAL A 345 -17.40 10.55 -10.57
CA VAL A 345 -17.89 9.20 -10.88
C VAL A 345 -19.40 9.21 -11.00
N PHE A 346 -20.08 9.86 -10.06
CA PHE A 346 -21.53 9.90 -10.07
C PHE A 346 -22.05 10.68 -11.28
N GLN A 347 -21.54 11.89 -11.50
CA GLN A 347 -22.06 12.76 -12.55
C GLN A 347 -21.92 12.13 -13.94
N GLU A 348 -20.79 11.48 -14.20
CA GLU A 348 -20.50 10.94 -15.52
C GLU A 348 -21.04 9.52 -15.68
N ASN A 349 -21.72 9.01 -14.65
CA ASN A 349 -22.33 7.68 -14.71
C ASN A 349 -21.29 6.61 -14.99
N SER A 350 -20.06 6.83 -14.53
CA SER A 350 -19.03 5.80 -14.65
C SER A 350 -19.37 4.60 -13.78
N ARG A 351 -19.17 3.40 -14.34
CA ARG A 351 -19.44 2.15 -13.66
C ARG A 351 -18.19 1.30 -13.46
N VAL A 352 -17.06 1.70 -14.02
CA VAL A 352 -15.83 0.92 -13.94
C VAL A 352 -14.68 1.89 -13.70
N ILE A 353 -13.84 1.57 -12.71
CA ILE A 353 -12.65 2.36 -12.40
C ILE A 353 -11.46 1.42 -12.54
N VAL A 354 -10.42 1.89 -13.20
CA VAL A 354 -9.14 1.19 -13.28
C VAL A 354 -8.11 1.98 -12.48
N MET A 355 -7.52 1.35 -11.45
CA MET A 355 -6.38 1.95 -10.75
C MET A 355 -5.09 1.33 -11.27
N THR A 356 -4.13 2.18 -11.60
CA THR A 356 -2.90 1.73 -12.25
C THR A 356 -1.71 1.62 -11.30
N THR A 357 -1.87 1.94 -10.02
CA THR A 357 -0.76 1.83 -9.10
C THR A 357 -1.24 1.27 -7.77
N LYS A 358 -0.30 0.73 -7.00
CA LYS A 358 -0.54 0.48 -5.59
C LYS A 358 -0.80 1.79 -4.89
N GLU A 359 -1.41 1.71 -3.69
CA GLU A 359 -1.56 2.94 -2.90
C GLU A 359 -0.21 3.56 -2.59
N VAL A 360 0.79 2.71 -2.36
CA VAL A 360 2.11 3.14 -1.93
C VAL A 360 3.13 2.36 -2.74
N GLU A 361 4.08 3.08 -3.34
CA GLU A 361 5.22 2.47 -4.01
C GLU A 361 6.49 3.21 -3.57
N ARG A 362 7.55 2.44 -3.29
CA ARG A 362 8.84 2.99 -2.86
C ARG A 362 8.67 3.89 -1.63
N GLY A 363 7.72 3.54 -0.77
CA GLY A 363 7.50 4.35 0.42
C GLY A 363 6.76 5.64 0.18
N LYS A 364 6.32 5.89 -1.04
CA LYS A 364 5.67 7.15 -1.40
C LYS A 364 4.23 6.88 -1.79
N SER A 365 3.33 7.77 -1.37
CA SER A 365 1.93 7.63 -1.71
C SER A 365 1.72 7.88 -3.21
N LYS A 366 1.21 6.87 -3.92
CA LYS A 366 0.91 6.98 -5.35
C LYS A 366 -0.58 7.06 -5.65
N CYS A 367 -1.43 6.60 -4.74
CA CYS A 367 -2.87 6.71 -4.93
CA CYS A 367 -2.88 6.65 -4.95
C CYS A 367 -3.55 6.54 -3.57
N VAL A 368 -3.98 7.67 -3.00
CA VAL A 368 -4.57 7.63 -1.67
C VAL A 368 -5.89 6.85 -1.70
N LYS A 369 -6.13 6.11 -0.62
CA LYS A 369 -7.32 5.27 -0.51
C LYS A 369 -8.57 6.14 -0.46
N TYR A 370 -9.48 5.93 -1.41
CA TYR A 370 -10.70 6.73 -1.50
C TYR A 370 -11.95 5.88 -1.44
N TRP A 371 -11.84 4.62 -1.03
CA TRP A 371 -12.94 3.67 -0.94
C TRP A 371 -12.97 3.08 0.46
N PRO A 372 -14.14 2.62 0.92
CA PRO A 372 -14.21 2.03 2.27
C PRO A 372 -13.57 0.65 2.32
N ASP A 373 -13.12 0.28 3.52
CA ASP A 373 -12.75 -1.11 3.80
C ASP A 373 -13.88 -2.06 3.38
N GLU A 374 -13.52 -3.31 3.13
CA GLU A 374 -14.53 -4.28 2.70
C GLU A 374 -15.68 -4.37 3.71
N TYR A 375 -16.91 -4.38 3.19
CA TYR A 375 -18.17 -4.43 3.94
C TYR A 375 -18.54 -3.11 4.62
N ALA A 376 -17.63 -2.14 4.63
CA ALA A 376 -17.87 -0.88 5.31
C ALA A 376 -18.56 0.14 4.41
N LEU A 377 -19.12 1.17 5.07
CA LEU A 377 -19.92 2.20 4.43
C LEU A 377 -19.39 3.57 4.85
N LYS A 378 -19.13 4.45 3.88
CA LYS A 378 -18.63 5.79 4.17
C LYS A 378 -19.35 6.83 3.33
N GLU A 379 -19.48 8.03 3.88
CA GLU A 379 -19.97 9.18 3.13
C GLU A 379 -18.79 10.06 2.76
N TYR A 380 -18.75 10.49 1.51
CA TYR A 380 -17.71 11.36 0.97
C TYR A 380 -18.45 12.59 0.49
N GLY A 381 -18.57 13.59 1.36
CA GLY A 381 -19.46 14.70 1.07
C GLY A 381 -20.88 14.18 0.88
N VAL A 382 -21.50 14.55 -0.24
CA VAL A 382 -22.87 14.14 -0.53
C VAL A 382 -22.96 12.72 -1.09
N MET A 383 -21.84 12.05 -1.34
CA MET A 383 -21.86 10.72 -1.95
C MET A 383 -21.63 9.68 -0.88
N ARG A 384 -22.31 8.55 -1.01
CA ARG A 384 -22.22 7.43 -0.06
C ARG A 384 -21.72 6.21 -0.82
N VAL A 385 -20.72 5.52 -0.27
CA VAL A 385 -20.11 4.36 -0.93
C VAL A 385 -20.07 3.19 0.04
N ARG A 386 -20.55 2.04 -0.40
CA ARG A 386 -20.39 0.77 0.30
C ARG A 386 -19.43 -0.12 -0.47
N ASN A 387 -18.46 -0.72 0.23
CA ASN A 387 -17.59 -1.74 -0.36
C ASN A 387 -18.29 -3.08 -0.13
N VAL A 388 -18.93 -3.60 -1.18
CA VAL A 388 -19.76 -4.80 -1.04
C VAL A 388 -18.88 -6.03 -0.88
N LYS A 389 -17.83 -6.15 -1.69
CA LYS A 389 -17.03 -7.36 -1.75
C LYS A 389 -15.74 -7.05 -2.50
N GLU A 390 -14.64 -7.57 -1.99
CA GLU A 390 -13.37 -7.57 -2.70
C GLU A 390 -13.02 -8.98 -3.15
N SER A 391 -12.46 -9.09 -4.36
CA SER A 391 -12.03 -10.36 -4.93
C SER A 391 -10.60 -10.21 -5.42
N ALA A 392 -9.72 -11.11 -5.00
CA ALA A 392 -8.32 -11.05 -5.39
C ALA A 392 -8.07 -11.93 -6.60
N ALA A 393 -7.41 -11.39 -7.61
CA ALA A 393 -6.86 -12.14 -8.72
C ALA A 393 -5.34 -12.02 -8.68
N HIS A 394 -4.67 -12.63 -9.66
CA HIS A 394 -3.21 -12.66 -9.60
C HIS A 394 -2.61 -11.26 -9.75
N ASP A 395 -3.03 -10.52 -10.77
CA ASP A 395 -2.44 -9.21 -11.06
C ASP A 395 -3.23 -8.05 -10.46
N TYR A 396 -4.44 -8.27 -9.97
CA TYR A 396 -5.30 -7.17 -9.57
C TYR A 396 -6.27 -7.61 -8.49
N THR A 397 -6.89 -6.60 -7.85
CA THR A 397 -7.96 -6.82 -6.91
C THR A 397 -9.21 -6.13 -7.45
N LEU A 398 -10.33 -6.83 -7.42
CA LEU A 398 -11.62 -6.25 -7.77
C LEU A 398 -12.35 -5.84 -6.50
N ARG A 399 -12.83 -4.59 -6.45
CA ARG A 399 -13.70 -4.14 -5.36
C ARG A 399 -15.04 -3.78 -5.96
N GLU A 400 -16.10 -4.44 -5.49
CA GLU A 400 -17.47 -4.14 -5.92
C GLU A 400 -18.01 -3.07 -5.00
N LEU A 401 -18.23 -1.86 -5.53
CA LEU A 401 -18.65 -0.72 -4.73
C LEU A 401 -20.07 -0.31 -5.12
N LYS A 402 -20.85 0.15 -4.14
CA LYS A 402 -22.16 0.73 -4.41
C LYS A 402 -22.11 2.21 -4.08
N LEU A 403 -22.41 3.02 -5.08
CA LEU A 403 -22.30 4.47 -4.99
C LEU A 403 -23.69 5.06 -5.08
N SER A 404 -23.99 6.02 -4.22
CA SER A 404 -25.29 6.69 -4.27
C SER A 404 -25.15 8.07 -3.64
N LYS A 405 -26.15 8.90 -3.90
CA LYS A 405 -26.19 10.23 -3.30
C LYS A 405 -26.99 10.15 -2.00
N VAL A 406 -26.47 10.78 -0.95
CA VAL A 406 -27.20 10.75 0.32
C VAL A 406 -28.57 11.37 0.12
N GLY A 407 -29.59 10.75 0.74
CA GLY A 407 -30.95 11.23 0.66
C GLY A 407 -31.74 10.75 -0.54
N GLN A 408 -31.13 9.97 -1.45
CA GLN A 408 -31.77 9.57 -2.71
C GLN A 408 -31.40 8.11 -2.99
N GLY A 409 -32.11 7.20 -2.32
CA GLY A 409 -31.77 5.79 -2.42
C GLY A 409 -31.86 5.24 -3.83
N ASN A 410 -32.73 5.83 -4.66
CA ASN A 410 -32.94 5.32 -6.01
C ASN A 410 -31.79 5.67 -6.96
N THR A 411 -30.76 6.36 -6.46
CA THR A 411 -29.62 6.73 -7.29
C THR A 411 -28.46 5.76 -7.18
N GLU A 412 -28.63 4.68 -6.40
CA GLU A 412 -27.54 3.75 -6.18
C GLU A 412 -27.16 3.04 -7.47
N ARG A 413 -25.87 2.86 -7.70
CA ARG A 413 -25.41 2.05 -8.82
C ARG A 413 -24.12 1.39 -8.38
N THR A 414 -23.83 0.25 -8.98
CA THR A 414 -22.61 -0.48 -8.65
C THR A 414 -21.46 0.06 -9.49
N VAL A 415 -20.31 0.27 -8.84
CA VAL A 415 -19.09 0.72 -9.49
C VAL A 415 -18.04 -0.36 -9.25
N TRP A 416 -17.51 -0.91 -10.33
CA TRP A 416 -16.56 -2.02 -10.26
C TRP A 416 -15.16 -1.44 -10.35
N GLN A 417 -14.41 -1.53 -9.25
CA GLN A 417 -13.07 -0.95 -9.19
C GLN A 417 -12.04 -2.05 -9.41
N TYR A 418 -11.29 -1.96 -10.51
CA TYR A 418 -10.25 -2.91 -10.87
C TYR A 418 -8.90 -2.30 -10.50
N HIS A 419 -8.25 -2.86 -9.49
CA HIS A 419 -7.04 -2.28 -8.94
C HIS A 419 -5.86 -3.14 -9.40
N PHE A 420 -5.10 -2.65 -10.39
CA PHE A 420 -3.94 -3.38 -10.91
C PHE A 420 -2.78 -3.22 -9.94
N ARG A 421 -2.21 -4.33 -9.46
CA ARG A 421 -1.28 -4.23 -8.34
C ARG A 421 0.14 -4.73 -8.62
N THR A 422 0.41 -5.27 -9.80
CA THR A 422 1.72 -5.87 -10.07
C THR A 422 2.57 -5.10 -11.07
N TRP A 423 2.14 -3.93 -11.51
CA TRP A 423 3.00 -3.11 -12.36
C TRP A 423 4.29 -2.82 -11.59
N PRO A 424 5.47 -3.05 -12.20
CA PRO A 424 6.73 -2.81 -11.47
C PRO A 424 6.89 -1.34 -11.05
N ASP A 425 7.72 -1.12 -10.02
CA ASP A 425 7.91 0.25 -9.51
C ASP A 425 8.56 1.17 -10.54
N HIS A 426 9.42 0.63 -11.40
CA HIS A 426 10.03 1.37 -12.51
C HIS A 426 9.95 0.54 -13.79
N GLY A 427 9.82 1.24 -14.92
CA GLY A 427 9.71 0.53 -16.19
C GLY A 427 8.34 -0.07 -16.40
N VAL A 428 8.28 -1.14 -17.19
CA VAL A 428 6.99 -1.72 -17.59
C VAL A 428 7.05 -3.23 -17.35
N PRO A 429 5.88 -3.89 -17.34
CA PRO A 429 5.88 -5.36 -17.22
C PRO A 429 6.72 -6.02 -18.30
N SER A 430 7.41 -7.08 -17.92
CA SER A 430 8.20 -7.84 -18.89
C SER A 430 7.33 -8.59 -19.87
N ASP A 431 6.08 -8.88 -19.50
CA ASP A 431 5.15 -9.59 -20.36
C ASP A 431 3.80 -8.87 -20.32
N PRO A 432 3.15 -8.66 -21.47
CA PRO A 432 1.87 -7.95 -21.48
C PRO A 432 0.66 -8.82 -21.16
N GLY A 433 0.84 -10.13 -20.96
CA GLY A 433 -0.31 -11.01 -20.74
C GLY A 433 -1.18 -10.57 -19.59
N GLY A 434 -0.57 -10.21 -18.46
CA GLY A 434 -1.36 -9.77 -17.31
C GLY A 434 -2.19 -8.53 -17.58
N VAL A 435 -1.58 -7.53 -18.22
CA VAL A 435 -2.31 -6.33 -18.58
C VAL A 435 -3.45 -6.66 -19.53
N LEU A 436 -3.20 -7.54 -20.51
CA LEU A 436 -4.23 -7.84 -21.51
C LEU A 436 -5.41 -8.58 -20.90
N ASP A 437 -5.14 -9.58 -20.06
CA ASP A 437 -6.24 -10.29 -19.41
C ASP A 437 -7.03 -9.34 -18.53
N PHE A 438 -6.34 -8.39 -17.88
CA PHE A 438 -6.99 -7.37 -17.07
C PHE A 438 -7.92 -6.50 -17.92
N LEU A 439 -7.39 -5.93 -19.03
CA LEU A 439 -8.22 -5.10 -19.89
C LEU A 439 -9.38 -5.90 -20.49
N GLU A 440 -9.12 -7.16 -20.82
CA GLU A 440 -10.19 -8.00 -21.35
C GLU A 440 -11.35 -8.10 -20.35
N GLU A 441 -11.03 -8.30 -19.07
CA GLU A 441 -12.08 -8.40 -18.06
C GLU A 441 -12.79 -7.06 -17.86
N VAL A 442 -12.02 -5.98 -17.74
CA VAL A 442 -12.60 -4.63 -17.61
C VAL A 442 -13.54 -4.36 -18.77
N HIS A 443 -13.12 -4.75 -19.98
CA HIS A 443 -13.92 -4.50 -21.16
C HIS A 443 -15.26 -5.22 -21.08
N HIS A 444 -15.23 -6.50 -20.71
CA HIS A 444 -16.47 -7.28 -20.61
C HIS A 444 -17.38 -6.71 -19.54
N LYS A 445 -16.82 -6.28 -18.39
CA LYS A 445 -17.67 -5.68 -17.37
C LYS A 445 -18.37 -4.45 -17.90
N GLN A 446 -17.60 -3.53 -18.50
CA GLN A 446 -18.17 -2.31 -19.07
C GLN A 446 -19.24 -2.63 -20.09
N GLU A 447 -18.96 -3.56 -21.00
CA GLU A 447 -19.92 -3.93 -22.03
C GLU A 447 -21.19 -4.55 -21.46
N SER A 448 -21.12 -5.17 -20.27
CA SER A 448 -22.32 -5.79 -19.70
C SER A 448 -23.27 -4.81 -19.05
N ILE A 449 -22.89 -3.53 -18.93
CA ILE A 449 -23.67 -2.58 -18.17
C ILE A 449 -24.29 -1.59 -19.13
N MET A 450 -25.60 -1.65 -19.27
CA MET A 450 -26.32 -0.80 -20.21
C MET A 450 -26.09 0.67 -19.89
N ASP A 451 -25.65 1.42 -20.90
CA ASP A 451 -25.54 2.88 -20.81
C ASP A 451 -24.52 3.32 -19.76
N ALA A 452 -23.55 2.46 -19.46
CA ALA A 452 -22.45 2.86 -18.56
C ALA A 452 -21.70 4.07 -19.14
N GLY A 453 -21.23 4.94 -18.24
CA GLY A 453 -20.49 6.10 -18.66
C GLY A 453 -19.05 5.76 -18.94
N PRO A 454 -18.18 6.77 -19.01
CA PRO A 454 -16.77 6.53 -19.34
C PRO A 454 -16.10 5.70 -18.27
N VAL A 455 -15.09 4.93 -18.69
CA VAL A 455 -14.26 4.18 -17.76
C VAL A 455 -13.22 5.12 -17.17
N VAL A 456 -13.16 5.18 -15.84
CA VAL A 456 -12.16 6.01 -15.16
C VAL A 456 -10.87 5.24 -15.07
N VAL A 457 -9.77 5.85 -15.48
CA VAL A 457 -8.44 5.24 -15.37
C VAL A 457 -7.56 6.24 -14.63
N HIS A 458 -6.92 5.80 -13.55
CA HIS A 458 -6.23 6.81 -12.74
C HIS A 458 -5.14 6.20 -11.89
N CYS A 459 -4.44 7.11 -11.19
CA CYS A 459 -3.46 7.00 -10.10
C CYS A 459 -2.24 7.83 -10.49
N SER A 460 -1.30 8.00 -9.57
CA SER A 460 -0.12 8.82 -9.82
C SER A 460 -0.56 10.15 -10.42
N ALA A 461 0.12 10.59 -11.48
CA ALA A 461 -0.25 11.83 -12.15
C ALA A 461 -1.29 11.62 -13.25
N GLY A 462 -1.66 10.38 -13.53
CA GLY A 462 -2.72 10.13 -14.49
C GLY A 462 -2.34 10.34 -15.93
N ILE A 463 -1.07 10.14 -16.31
CA ILE A 463 -0.66 10.34 -17.70
C ILE A 463 0.19 9.19 -18.22
N GLY A 464 1.03 8.60 -17.37
CA GLY A 464 1.96 7.59 -17.84
C GLY A 464 1.36 6.21 -18.01
N ARG A 465 1.27 5.45 -16.91
CA ARG A 465 0.57 4.18 -16.94
C ARG A 465 -0.86 4.38 -17.39
N THR A 466 -1.50 5.47 -16.95
CA THR A 466 -2.87 5.73 -17.36
C THR A 466 -2.99 5.85 -18.89
N GLY A 467 -2.12 6.64 -19.51
CA GLY A 467 -2.16 6.73 -20.96
C GLY A 467 -1.86 5.40 -21.62
N THR A 468 -0.97 4.60 -21.01
CA THR A 468 -0.58 3.33 -21.61
C THR A 468 -1.72 2.32 -21.59
N PHE A 469 -2.40 2.18 -20.44
CA PHE A 469 -3.58 1.33 -20.38
C PHE A 469 -4.64 1.77 -21.39
N ILE A 470 -4.89 3.08 -21.49
CA ILE A 470 -5.97 3.56 -22.35
C ILE A 470 -5.66 3.31 -23.82
N VAL A 471 -4.41 3.56 -24.23
CA VAL A 471 -4.07 3.36 -25.64
C VAL A 471 -4.11 1.87 -26.00
N ILE A 472 -3.58 1.00 -25.14
CA ILE A 472 -3.71 -0.44 -25.38
C ILE A 472 -5.19 -0.81 -25.52
N ASP A 473 -6.02 -0.28 -24.62
CA ASP A 473 -7.44 -0.61 -24.66
C ASP A 473 -8.09 -0.18 -25.96
N ILE A 474 -7.74 1.03 -26.44
CA ILE A 474 -8.32 1.51 -27.68
C ILE A 474 -7.89 0.62 -28.84
N LEU A 475 -6.61 0.24 -28.88
CA LEU A 475 -6.12 -0.57 -29.99
C LEU A 475 -6.68 -1.99 -29.97
N ILE A 476 -6.74 -2.62 -28.79
CA ILE A 476 -7.24 -4.00 -28.81
C ILE A 476 -8.75 -4.01 -29.05
N ASP A 477 -9.46 -2.95 -28.68
CA ASP A 477 -10.88 -2.87 -29.02
C ASP A 477 -11.09 -2.92 -30.53
N ILE A 478 -10.20 -2.27 -31.30
CA ILE A 478 -10.27 -2.37 -32.75
C ILE A 478 -10.10 -3.82 -33.19
N ILE A 479 -9.05 -4.49 -32.70
CA ILE A 479 -8.79 -5.87 -33.13
C ILE A 479 -9.90 -6.80 -32.66
N ARG A 480 -10.41 -6.60 -31.45
CA ARG A 480 -11.49 -7.46 -30.95
C ARG A 480 -12.71 -7.41 -31.86
N GLU A 481 -13.04 -6.21 -32.36
CA GLU A 481 -14.23 -6.08 -33.19
C GLU A 481 -13.97 -6.48 -34.63
N LYS A 482 -12.80 -6.16 -35.18
CA LYS A 482 -12.51 -6.36 -36.59
C LYS A 482 -11.53 -7.49 -36.86
N GLY A 483 -11.00 -8.13 -35.82
CA GLY A 483 -10.02 -9.17 -36.07
C GLY A 483 -8.80 -8.62 -36.78
N VAL A 484 -8.16 -9.50 -37.55
CA VAL A 484 -6.90 -9.16 -38.21
C VAL A 484 -7.08 -8.24 -39.40
N ASP A 485 -8.31 -7.98 -39.84
CA ASP A 485 -8.55 -7.16 -41.04
C ASP A 485 -8.84 -5.72 -40.65
N CYS A 486 -7.81 -5.08 -40.09
CA CYS A 486 -7.95 -3.69 -39.68
C CYS A 486 -6.57 -3.07 -39.65
N ASP A 487 -6.52 -1.76 -39.85
CA ASP A 487 -5.28 -1.00 -39.75
C ASP A 487 -5.09 -0.48 -38.34
N ILE A 488 -3.85 -0.57 -37.87
CA ILE A 488 -3.44 -0.04 -36.58
C ILE A 488 -2.38 1.01 -36.81
N ASP A 489 -2.46 2.13 -36.10
CA ASP A 489 -1.45 3.19 -36.20
C ASP A 489 -1.16 3.65 -34.77
N VAL A 490 -0.12 3.09 -34.16
CA VAL A 490 0.15 3.35 -32.74
C VAL A 490 0.43 4.83 -32.46
N PRO A 491 1.37 5.50 -33.14
CA PRO A 491 1.61 6.92 -32.79
C PRO A 491 0.42 7.80 -33.13
N LYS A 492 -0.35 7.49 -34.16
CA LYS A 492 -1.55 8.29 -34.43
C LYS A 492 -2.53 8.20 -33.28
N THR A 493 -2.76 6.98 -32.77
CA THR A 493 -3.62 6.81 -31.62
C THR A 493 -3.09 7.55 -30.40
N ILE A 494 -1.77 7.47 -30.17
CA ILE A 494 -1.19 8.16 -29.02
C ILE A 494 -1.30 9.68 -29.17
N GLN A 495 -0.98 10.21 -30.36
CA GLN A 495 -1.11 11.65 -30.56
C GLN A 495 -2.54 12.11 -30.32
N MET A 496 -3.51 11.32 -30.77
CA MET A 496 -4.91 11.63 -30.56
C MET A 496 -5.27 11.68 -29.07
N VAL A 497 -4.69 10.78 -28.29
CA VAL A 497 -4.99 10.78 -26.85
C VAL A 497 -4.25 11.91 -26.15
N ARG A 498 -3.01 12.19 -26.57
CA ARG A 498 -2.24 13.29 -26.01
C ARG A 498 -2.82 14.67 -26.33
N SER A 499 -3.66 14.79 -27.34
CA SER A 499 -4.36 16.04 -27.59
C SER A 499 -5.52 16.27 -26.62
N GLN A 500 -5.84 15.26 -25.81
CA GLN A 500 -6.92 15.38 -24.84
C GLN A 500 -6.44 15.41 -23.40
N ARG A 501 -5.22 14.97 -23.12
CA ARG A 501 -4.59 15.11 -21.81
C ARG A 501 -3.09 15.11 -22.01
N SER A 502 -2.39 16.00 -21.31
CA SER A 502 -0.97 16.24 -21.54
C SER A 502 -0.13 15.01 -21.27
N GLY A 503 0.77 14.69 -22.20
CA GLY A 503 1.77 13.67 -21.93
C GLY A 503 1.26 12.25 -21.78
N MET A 504 0.08 11.93 -22.30
CA MET A 504 -0.37 10.54 -22.25
C MET A 504 0.64 9.64 -22.94
N VAL A 505 1.10 8.62 -22.20
CA VAL A 505 2.23 7.74 -22.56
C VAL A 505 3.52 8.53 -22.39
N GLN A 506 4.30 8.17 -21.37
CA GLN A 506 5.41 8.99 -20.94
C GLN A 506 6.75 8.56 -21.52
N THR A 507 6.99 7.27 -21.73
CA THR A 507 8.33 6.78 -21.99
C THR A 507 8.37 5.88 -23.21
N GLU A 508 9.58 5.72 -23.74
CA GLU A 508 9.79 4.77 -24.82
C GLU A 508 9.50 3.34 -24.36
N ALA A 509 9.79 3.01 -23.10
CA ALA A 509 9.47 1.66 -22.62
C ALA A 509 7.97 1.41 -22.71
N GLN A 510 7.15 2.40 -22.35
CA GLN A 510 5.71 2.24 -22.49
C GLN A 510 5.32 2.15 -23.96
N TYR A 511 5.97 2.95 -24.80
CA TYR A 511 5.70 2.90 -26.24
C TYR A 511 5.92 1.49 -26.78
N ARG A 512 7.08 0.89 -26.50
CA ARG A 512 7.33 -0.48 -26.93
C ARG A 512 6.34 -1.45 -26.30
N PHE A 513 5.96 -1.20 -25.04
CA PHE A 513 5.04 -2.09 -24.35
C PHE A 513 3.68 -2.11 -25.05
N ILE A 514 3.23 -0.93 -25.52
CA ILE A 514 1.98 -0.87 -26.29
C ILE A 514 2.07 -1.77 -27.52
N TYR A 515 3.17 -1.66 -28.28
CA TYR A 515 3.36 -2.52 -29.44
C TYR A 515 3.34 -4.00 -29.05
N MET A 516 4.09 -4.34 -28.00
CA MET A 516 4.19 -5.74 -27.57
C MET A 516 2.85 -6.28 -27.12
N ALA A 517 2.06 -5.44 -26.43
CA ALA A 517 0.71 -5.85 -26.03
C ALA A 517 -0.19 -6.09 -27.23
N VAL A 518 -0.21 -5.16 -28.18
CA VAL A 518 -0.97 -5.35 -29.41
C VAL A 518 -0.55 -6.65 -30.10
N GLN A 519 0.76 -6.87 -30.20
CA GLN A 519 1.27 -8.05 -30.90
C GLN A 519 0.81 -9.33 -30.21
N HIS A 520 0.95 -9.36 -28.88
CA HIS A 520 0.50 -10.50 -28.07
C HIS A 520 -0.99 -10.76 -28.26
N TYR A 521 -1.81 -9.69 -28.22
CA TYR A 521 -3.25 -9.86 -28.36
C TYR A 521 -3.62 -10.47 -29.72
N ILE A 522 -2.93 -10.03 -30.77
CA ILE A 522 -3.19 -10.58 -32.10
C ILE A 522 -2.81 -12.06 -32.15
N GLU A 523 -1.69 -12.42 -31.50
CA GLU A 523 -1.21 -13.80 -31.58
C GLU A 523 -2.19 -14.77 -30.95
N THR A 524 -2.85 -14.37 -29.85
CA THR A 524 -3.76 -15.24 -29.14
C THR A 524 -5.17 -15.20 -29.72
N LEU A 525 -5.35 -14.64 -30.91
CA LEU A 525 -6.66 -14.65 -31.57
C LEU A 525 -7.04 -16.06 -32.01
N THR B 2 -5.31 -19.04 39.40
CA THR B 2 -6.38 -18.48 40.22
C THR B 2 -7.74 -18.89 39.67
N SER B 3 -8.62 -17.93 39.42
CA SER B 3 -9.93 -18.22 38.86
C SER B 3 -10.34 -17.09 37.92
N ARG B 4 -10.48 -17.41 36.63
CA ARG B 4 -11.13 -16.52 35.67
C ARG B 4 -12.47 -17.07 35.21
N ARG B 5 -13.07 -17.93 36.03
CA ARG B 5 -14.38 -18.52 35.74
C ARG B 5 -15.47 -17.47 35.62
N TRP B 6 -15.27 -16.30 36.24
CA TRP B 6 -16.29 -15.27 36.28
C TRP B 6 -16.53 -14.59 34.93
N PHE B 7 -15.72 -14.88 33.91
CA PHE B 7 -15.99 -14.37 32.57
C PHE B 7 -16.79 -15.42 31.79
N HIS B 8 -17.97 -15.03 31.31
CA HIS B 8 -18.84 -15.95 30.57
C HIS B 8 -18.85 -15.56 29.11
N PRO B 9 -18.18 -16.29 28.22
CA PRO B 9 -18.07 -15.81 26.82
C PRO B 9 -19.32 -15.95 25.97
N ASN B 10 -20.25 -16.85 26.33
CA ASN B 10 -21.39 -17.17 25.49
C ASN B 10 -22.73 -16.76 26.09
N ILE B 11 -22.73 -15.80 27.01
CA ILE B 11 -23.93 -15.45 27.75
C ILE B 11 -24.49 -14.14 27.22
N THR B 12 -25.81 -14.03 27.27
CA THR B 12 -26.50 -12.80 26.91
C THR B 12 -26.80 -11.99 28.17
N GLY B 13 -27.31 -10.78 27.96
CA GLY B 13 -27.61 -9.91 29.08
C GLY B 13 -28.76 -10.41 29.92
N VAL B 14 -29.81 -10.92 29.26
CA VAL B 14 -30.93 -11.51 29.99
C VAL B 14 -30.47 -12.75 30.76
N GLU B 15 -29.67 -13.60 30.12
CA GLU B 15 -29.16 -14.79 30.82
C GLU B 15 -28.26 -14.41 31.99
N ALA B 16 -27.46 -13.35 31.83
CA ALA B 16 -26.63 -12.90 32.94
C ALA B 16 -27.46 -12.45 34.13
N GLU B 17 -28.52 -11.68 33.86
CA GLU B 17 -29.39 -11.21 34.94
C GLU B 17 -30.07 -12.38 35.64
N ASN B 18 -30.63 -13.31 34.85
CA ASN B 18 -31.29 -14.48 35.43
C ASN B 18 -30.32 -15.32 36.23
N LEU B 19 -29.09 -15.47 35.74
CA LEU B 19 -28.11 -16.26 36.47
CA LEU B 19 -28.10 -16.26 36.45
C LEU B 19 -27.74 -15.62 37.79
N LEU B 20 -27.52 -14.30 37.79
CA LEU B 20 -27.18 -13.61 39.04
C LEU B 20 -28.34 -13.61 40.02
N LEU B 21 -29.58 -13.54 39.52
CA LEU B 21 -30.74 -13.47 40.41
C LEU B 21 -31.13 -14.83 40.97
N THR B 22 -30.88 -15.92 40.23
CA THR B 22 -31.28 -17.24 40.69
C THR B 22 -30.13 -18.05 41.29
N ARG B 23 -28.90 -17.82 40.84
CA ARG B 23 -27.75 -18.61 41.29
C ARG B 23 -26.72 -17.79 42.04
N GLY B 24 -26.90 -16.47 42.16
CA GLY B 24 -26.01 -15.64 42.93
C GLY B 24 -26.73 -14.96 44.09
N VAL B 25 -25.98 -14.10 44.77
CA VAL B 25 -26.47 -13.33 45.92
C VAL B 25 -25.94 -11.91 45.78
N ASP B 26 -26.34 -11.03 46.68
CA ASP B 26 -25.84 -9.66 46.64
C ASP B 26 -24.33 -9.66 46.76
N GLY B 27 -23.66 -9.01 45.82
CA GLY B 27 -22.23 -9.06 45.71
C GLY B 27 -21.71 -10.00 44.65
N SER B 28 -22.55 -10.86 44.11
CA SER B 28 -22.13 -11.74 43.03
C SER B 28 -21.92 -10.93 41.74
N PHE B 29 -20.95 -11.36 40.94
CA PHE B 29 -20.65 -10.65 39.71
C PHE B 29 -20.15 -11.63 38.67
N LEU B 30 -20.28 -11.20 37.41
CA LEU B 30 -19.66 -11.88 36.27
C LEU B 30 -19.33 -10.81 35.24
N ALA B 31 -18.49 -11.18 34.28
CA ALA B 31 -18.20 -10.32 33.14
C ALA B 31 -18.54 -11.07 31.86
N ARG B 32 -18.84 -10.35 30.80
CA ARG B 32 -19.32 -10.98 29.57
C ARG B 32 -18.99 -10.09 28.40
N PRO B 33 -18.90 -10.64 27.19
CA PRO B 33 -18.78 -9.79 26.00
C PRO B 33 -20.07 -9.04 25.76
N SER B 34 -19.95 -7.77 25.38
CA SER B 34 -21.12 -6.97 25.05
C SER B 34 -21.71 -7.46 23.73
N LYS B 35 -22.98 -7.88 23.76
CA LYS B 35 -23.64 -8.29 22.54
C LYS B 35 -24.05 -7.11 21.67
N SER B 36 -24.33 -5.96 22.30
CA SER B 36 -24.73 -4.78 21.55
C SER B 36 -23.56 -4.18 20.78
N ASN B 37 -22.47 -3.87 21.48
CA ASN B 37 -21.29 -3.26 20.85
C ASN B 37 -20.15 -4.27 20.82
N PRO B 38 -19.91 -4.95 19.69
CA PRO B 38 -18.79 -5.89 19.61
C PRO B 38 -17.46 -5.19 19.89
N GLY B 39 -16.57 -5.91 20.58
CA GLY B 39 -15.34 -5.35 21.08
C GLY B 39 -15.43 -4.79 22.48
N ASP B 40 -16.62 -4.54 23.00
CA ASP B 40 -16.85 -4.05 24.35
C ASP B 40 -17.14 -5.22 25.29
N PHE B 41 -17.18 -4.91 26.58
CA PHE B 41 -17.45 -5.90 27.61
C PHE B 41 -18.37 -5.30 28.66
N THR B 42 -19.01 -6.17 29.45
CA THR B 42 -19.94 -5.71 30.47
C THR B 42 -19.65 -6.43 31.78
N LEU B 43 -19.58 -5.67 32.86
CA LEU B 43 -19.49 -6.21 34.21
C LEU B 43 -20.89 -6.19 34.82
N SER B 44 -21.46 -7.37 35.09
CA SER B 44 -22.80 -7.48 35.63
C SER B 44 -22.71 -7.87 37.11
N VAL B 45 -23.31 -7.06 37.98
CA VAL B 45 -23.14 -7.15 39.43
C VAL B 45 -24.51 -7.18 40.08
N ARG B 46 -24.74 -8.14 40.97
CA ARG B 46 -25.98 -8.17 41.75
C ARG B 46 -25.86 -7.24 42.96
N ARG B 47 -26.86 -6.36 43.11
CA ARG B 47 -26.84 -5.35 44.16
C ARG B 47 -28.28 -5.13 44.62
N ASN B 48 -28.51 -5.24 45.92
CA ASN B 48 -29.83 -5.00 46.52
C ASN B 48 -30.93 -5.79 45.81
N GLY B 49 -30.68 -7.07 45.56
CA GLY B 49 -31.65 -7.87 44.84
C GLY B 49 -31.86 -7.49 43.39
N ALA B 50 -31.03 -6.62 42.82
CA ALA B 50 -31.14 -6.24 41.42
C ALA B 50 -29.75 -6.32 40.77
N VAL B 51 -29.75 -6.27 39.44
CA VAL B 51 -28.53 -6.42 38.66
C VAL B 51 -28.19 -5.10 37.98
N THR B 52 -26.97 -4.63 38.21
CA THR B 52 -26.41 -3.48 37.50
C THR B 52 -25.41 -3.97 36.45
N HIS B 53 -25.42 -3.33 35.28
CA HIS B 53 -24.47 -3.63 34.22
C HIS B 53 -23.57 -2.42 34.00
N ILE B 54 -22.26 -2.64 34.03
CA ILE B 54 -21.27 -1.58 33.90
C ILE B 54 -20.50 -1.82 32.61
N LYS B 55 -20.47 -0.80 31.75
CA LYS B 55 -19.79 -0.92 30.48
C LYS B 55 -18.29 -0.88 30.65
N ILE B 56 -17.60 -1.77 29.94
CA ILE B 56 -16.15 -1.77 29.80
C ILE B 56 -15.83 -1.71 28.31
N GLN B 57 -15.17 -0.66 27.89
CA GLN B 57 -14.82 -0.45 26.49
C GLN B 57 -13.33 -0.76 26.29
N ASN B 58 -13.00 -1.38 25.15
CA ASN B 58 -11.60 -1.53 24.76
C ASN B 58 -11.49 -1.24 23.27
N THR B 59 -10.97 -0.08 22.93
CA THR B 59 -10.75 0.28 21.54
C THR B 59 -9.42 -0.21 21.01
N GLY B 60 -8.60 -0.82 21.87
CA GLY B 60 -7.32 -1.35 21.44
C GLY B 60 -6.17 -0.97 22.34
N ASP B 61 -6.41 -0.03 23.27
CA ASP B 61 -5.32 0.47 24.08
C ASP B 61 -5.35 0.01 25.53
N TYR B 62 -6.53 -0.24 26.09
CA TYR B 62 -6.71 -0.63 27.49
C TYR B 62 -8.20 -0.86 27.71
N TYR B 63 -8.53 -1.49 28.83
CA TYR B 63 -9.91 -1.66 29.22
C TYR B 63 -10.34 -0.42 30.00
N ASP B 64 -11.40 0.21 29.56
CA ASP B 64 -11.86 1.48 30.14
C ASP B 64 -13.20 1.24 30.81
N LEU B 65 -13.18 1.11 32.13
CA LEU B 65 -14.38 0.82 32.91
C LEU B 65 -15.17 2.10 33.13
N TYR B 66 -16.39 2.15 32.60
CA TYR B 66 -17.19 3.37 32.67
C TYR B 66 -17.45 3.75 34.11
N GLY B 67 -17.08 4.99 34.47
CA GLY B 67 -17.16 5.43 35.83
C GLY B 67 -16.08 4.88 36.73
N GLY B 68 -15.14 4.11 36.18
CA GLY B 68 -14.03 3.58 36.96
C GLY B 68 -12.71 3.97 36.32
N GLU B 69 -11.72 3.08 36.38
CA GLU B 69 -10.39 3.39 35.89
C GLU B 69 -10.04 2.47 34.72
N LYS B 70 -8.81 2.60 34.23
CA LYS B 70 -8.36 1.88 33.05
C LYS B 70 -7.38 0.79 33.46
N PHE B 71 -7.49 -0.36 32.80
CA PHE B 71 -6.76 -1.55 33.23
C PHE B 71 -6.17 -2.27 32.03
N ALA B 72 -5.14 -3.06 32.31
CA ALA B 72 -4.45 -3.79 31.25
C ALA B 72 -5.14 -5.11 30.92
N THR B 73 -5.80 -5.76 31.88
CA THR B 73 -6.58 -6.96 31.62
C THR B 73 -7.83 -6.96 32.50
N LEU B 74 -8.83 -7.74 32.10
CA LEU B 74 -10.02 -7.89 32.94
C LEU B 74 -9.67 -8.52 34.28
N ALA B 75 -8.74 -9.48 34.28
CA ALA B 75 -8.33 -10.10 35.54
C ALA B 75 -7.73 -9.06 36.48
N GLU B 76 -6.83 -8.21 35.97
CA GLU B 76 -6.27 -7.17 36.83
C GLU B 76 -7.35 -6.19 37.28
N LEU B 77 -8.36 -5.94 36.44
CA LEU B 77 -9.47 -5.10 36.84
C LEU B 77 -10.22 -5.71 38.03
N VAL B 78 -10.67 -6.95 37.87
CA VAL B 78 -11.42 -7.60 38.94
C VAL B 78 -10.58 -7.69 40.20
N GLN B 79 -9.30 -8.06 40.07
CA GLN B 79 -8.44 -8.14 41.24
C GLN B 79 -8.38 -6.80 41.96
N TYR B 80 -8.29 -5.71 41.19
CA TYR B 80 -8.21 -4.39 41.79
C TYR B 80 -9.44 -4.10 42.64
N TYR B 81 -10.63 -4.35 42.09
CA TYR B 81 -11.83 -4.00 42.83
C TYR B 81 -12.19 -5.06 43.88
N MET B 82 -11.81 -6.33 43.67
CA MET B 82 -12.03 -7.32 44.72
C MET B 82 -11.08 -7.14 45.89
N GLU B 83 -10.08 -6.27 45.77
CA GLU B 83 -9.13 -6.03 46.85
C GLU B 83 -9.04 -4.57 47.25
N HIS B 84 -9.69 -3.66 46.53
CA HIS B 84 -9.79 -2.24 46.88
C HIS B 84 -11.27 -1.89 46.97
N HIS B 85 -11.94 -2.47 47.96
CA HIS B 85 -13.38 -2.29 48.11
C HIS B 85 -13.72 -0.83 48.37
N GLY B 86 -14.88 -0.40 47.89
CA GLY B 86 -15.29 0.98 47.97
C GLY B 86 -14.84 1.85 46.81
N GLN B 87 -13.96 1.34 45.95
CA GLN B 87 -13.45 2.13 44.83
C GLN B 87 -14.37 2.11 43.62
N LEU B 88 -15.09 1.01 43.38
CA LEU B 88 -16.02 0.96 42.25
C LEU B 88 -17.32 1.66 42.63
N LYS B 89 -17.72 2.66 41.83
CA LYS B 89 -18.90 3.46 42.14
C LYS B 89 -19.91 3.52 40.98
N ASN B 92 -25.93 8.10 41.02
CA ASN B 92 -24.64 7.41 41.06
C ASN B 92 -23.84 7.77 42.31
N GLY B 93 -22.54 7.53 42.25
CA GLY B 93 -21.69 7.59 43.42
C GLY B 93 -21.89 6.43 44.37
N ASP B 94 -22.93 5.63 44.19
CA ASP B 94 -23.15 4.45 45.03
C ASP B 94 -22.04 3.44 44.80
N VAL B 95 -21.39 3.03 45.90
CA VAL B 95 -20.32 2.05 45.79
C VAL B 95 -20.90 0.71 45.33
N ILE B 96 -20.08 -0.02 44.58
CA ILE B 96 -20.43 -1.33 44.04
C ILE B 96 -19.39 -2.31 44.54
N GLU B 97 -19.84 -3.39 45.16
CA GLU B 97 -18.94 -4.38 45.76
C GLU B 97 -18.86 -5.61 44.88
N LEU B 98 -17.63 -6.01 44.55
CA LEU B 98 -17.36 -7.27 43.86
C LEU B 98 -16.93 -8.27 44.93
N LYS B 99 -17.83 -9.17 45.30
CA LYS B 99 -17.56 -10.08 46.41
C LYS B 99 -17.44 -11.54 45.96
N TYR B 100 -18.41 -12.03 45.21
CA TYR B 100 -18.49 -13.45 44.86
C TYR B 100 -18.50 -13.63 43.35
N PRO B 101 -17.41 -14.11 42.74
CA PRO B 101 -17.46 -14.43 41.31
C PRO B 101 -18.47 -15.55 41.06
N LEU B 102 -19.32 -15.36 40.05
CA LEU B 102 -20.25 -16.40 39.63
C LEU B 102 -19.57 -17.21 38.53
N ASN B 103 -19.18 -18.43 38.85
CA ASN B 103 -18.32 -19.21 37.99
C ASN B 103 -19.09 -19.78 36.80
N CYS B 104 -18.46 -19.72 35.63
CA CYS B 104 -19.09 -20.25 34.43
CA CYS B 104 -19.05 -20.24 34.41
C CYS B 104 -18.85 -21.75 34.32
N ALA B 105 -19.80 -22.43 33.70
CA ALA B 105 -19.69 -23.86 33.46
C ALA B 105 -19.42 -24.19 32.00
N ASP B 106 -19.35 -23.18 31.15
CA ASP B 106 -19.10 -23.37 29.73
C ASP B 106 -17.67 -23.83 29.51
N PRO B 107 -17.43 -24.95 28.82
CA PRO B 107 -16.06 -25.39 28.55
C PRO B 107 -15.44 -24.79 27.29
N THR B 108 -16.18 -23.95 26.57
CA THR B 108 -15.75 -23.43 25.27
C THR B 108 -14.34 -22.85 25.31
N SER B 109 -14.02 -22.08 26.34
CA SER B 109 -12.75 -21.37 26.41
C SER B 109 -11.66 -22.11 27.16
N GLU B 110 -11.85 -23.42 27.44
CA GLU B 110 -10.81 -24.21 28.07
C GLU B 110 -9.78 -24.66 27.04
N ARG B 111 -8.51 -24.70 27.45
CA ARG B 111 -7.45 -25.07 26.50
C ARG B 111 -7.61 -26.51 26.00
N TRP B 112 -8.15 -27.39 26.83
CA TRP B 112 -8.27 -28.81 26.47
C TRP B 112 -9.57 -29.16 25.75
N PHE B 113 -10.49 -28.22 25.58
CA PHE B 113 -11.80 -28.55 25.02
C PHE B 113 -11.82 -28.28 23.52
N HIS B 114 -12.26 -29.27 22.74
CA HIS B 114 -12.25 -29.13 21.29
C HIS B 114 -13.63 -29.28 20.68
N GLY B 115 -14.69 -29.26 21.48
CA GLY B 115 -16.06 -29.34 20.99
C GLY B 115 -16.32 -30.42 19.97
N HIS B 116 -16.73 -30.03 18.77
CA HIS B 116 -16.94 -30.98 17.68
C HIS B 116 -15.59 -31.51 17.22
N LEU B 117 -15.33 -32.78 17.49
CA LEU B 117 -14.09 -33.43 17.10
C LEU B 117 -14.31 -34.92 17.20
N SER B 118 -14.21 -35.61 16.07
CA SER B 118 -14.47 -37.05 16.07
C SER B 118 -13.34 -37.80 16.76
N GLY B 119 -13.64 -39.04 17.15
CA GLY B 119 -12.64 -39.86 17.82
C GLY B 119 -11.46 -40.18 16.94
N LYS B 120 -11.68 -40.31 15.62
CA LYS B 120 -10.59 -40.58 14.70
C LYS B 120 -9.65 -39.38 14.59
N GLU B 121 -10.21 -38.18 14.47
CA GLU B 121 -9.39 -36.97 14.44
C GLU B 121 -8.65 -36.75 15.76
N ALA B 122 -9.32 -37.04 16.89
CA ALA B 122 -8.68 -36.89 18.20
C ALA B 122 -7.46 -37.81 18.33
N GLU B 123 -7.60 -39.06 17.86
CA GLU B 123 -6.47 -39.98 17.91
C GLU B 123 -5.35 -39.55 16.97
N LYS B 124 -5.71 -39.03 15.80
CA LYS B 124 -4.70 -38.53 14.87
C LYS B 124 -3.94 -37.36 15.49
N LEU B 125 -4.67 -36.37 16.01
CA LEU B 125 -4.03 -35.21 16.63
C LEU B 125 -3.12 -35.64 17.78
N LEU B 126 -3.61 -36.50 18.68
CA LEU B 126 -2.77 -36.96 19.79
C LEU B 126 -1.57 -37.76 19.28
N THR B 127 -1.73 -38.47 18.17
CA THR B 127 -0.63 -39.28 17.64
C THR B 127 0.43 -38.39 17.02
N GLU B 128 0.03 -37.43 16.20
CA GLU B 128 0.99 -36.64 15.43
C GLU B 128 1.55 -35.48 16.26
N LYS B 129 0.73 -34.86 17.10
CA LYS B 129 1.14 -33.67 17.85
C LYS B 129 1.36 -33.91 19.33
N GLY B 130 0.84 -35.03 19.90
CA GLY B 130 0.83 -35.21 21.34
C GLY B 130 2.13 -35.77 21.90
N LYS B 131 2.19 -35.78 23.23
CA LYS B 131 3.27 -36.37 24.00
C LYS B 131 2.66 -37.04 25.22
N HIS B 132 3.51 -37.57 26.10
CA HIS B 132 3.00 -38.28 27.26
C HIS B 132 2.27 -37.30 28.18
N GLY B 133 1.01 -37.62 28.50
CA GLY B 133 0.18 -36.75 29.28
C GLY B 133 -0.60 -35.72 28.50
N SER B 134 -0.47 -35.67 27.17
CA SER B 134 -1.30 -34.76 26.40
C SER B 134 -2.72 -35.28 26.36
N PHE B 135 -3.68 -34.37 26.54
CA PHE B 135 -5.07 -34.79 26.65
C PHE B 135 -5.98 -33.74 26.04
N LEU B 136 -7.21 -34.14 25.83
CA LEU B 136 -8.25 -33.28 25.29
C LEU B 136 -9.59 -33.86 25.68
N VAL B 137 -10.61 -33.02 25.63
CA VAL B 137 -11.99 -33.43 25.83
C VAL B 137 -12.79 -33.01 24.61
N ARG B 138 -13.68 -33.89 24.16
CA ARG B 138 -14.51 -33.64 22.98
C ARG B 138 -15.91 -34.12 23.27
N GLU B 139 -16.88 -33.57 22.51
CA GLU B 139 -18.26 -34.01 22.61
C GLU B 139 -18.43 -35.38 21.98
N SER B 140 -19.30 -36.20 22.57
CA SER B 140 -19.57 -37.52 22.02
C SER B 140 -20.45 -37.43 20.79
N GLN B 141 -20.02 -38.06 19.70
CA GLN B 141 -20.86 -38.14 18.51
C GLN B 141 -21.97 -39.18 18.68
N SER B 142 -21.67 -40.31 19.34
CA SER B 142 -22.65 -41.37 19.51
C SER B 142 -23.69 -41.02 20.57
N HIS B 143 -23.26 -40.42 21.68
CA HIS B 143 -24.14 -40.09 22.80
C HIS B 143 -24.18 -38.57 22.97
N PRO B 144 -25.03 -37.87 22.22
CA PRO B 144 -25.06 -36.40 22.33
C PRO B 144 -25.38 -35.97 23.76
N GLY B 145 -24.63 -34.97 24.23
CA GLY B 145 -24.65 -34.54 25.61
C GLY B 145 -23.50 -35.09 26.43
N ASP B 146 -22.96 -36.24 26.04
CA ASP B 146 -21.82 -36.83 26.72
C ASP B 146 -20.52 -36.35 26.09
N PHE B 147 -19.41 -36.63 26.77
CA PHE B 147 -18.11 -36.19 26.32
C PHE B 147 -17.13 -37.35 26.42
N VAL B 148 -15.98 -37.18 25.79
CA VAL B 148 -14.92 -38.18 25.83
C VAL B 148 -13.60 -37.47 26.16
N LEU B 149 -12.92 -37.97 27.18
CA LEU B 149 -11.58 -37.53 27.53
C LEU B 149 -10.59 -38.46 26.85
N SER B 150 -9.75 -37.93 25.97
CA SER B 150 -8.72 -38.74 25.32
C SER B 150 -7.35 -38.24 25.73
N VAL B 151 -6.49 -39.18 26.12
CA VAL B 151 -5.20 -38.86 26.71
C VAL B 151 -4.16 -39.82 26.18
N ARG B 152 -2.98 -39.28 25.88
CA ARG B 152 -1.84 -40.04 25.41
C ARG B 152 -0.90 -40.32 26.57
N THR B 153 -0.43 -41.56 26.66
CA THR B 153 0.55 -41.95 27.65
C THR B 153 1.64 -42.76 26.97
N GLY B 154 2.82 -42.76 27.55
CA GLY B 154 3.86 -43.62 27.04
C GLY B 154 5.22 -42.98 27.15
N ASP B 155 6.13 -43.46 26.31
CA ASP B 155 7.51 -43.02 26.32
C ASP B 155 7.74 -42.03 25.19
N ASP B 156 8.37 -40.90 25.53
CA ASP B 156 8.67 -39.84 24.57
C ASP B 156 10.07 -39.97 23.98
N LYS B 157 10.49 -41.19 23.64
CA LYS B 157 11.82 -41.41 23.11
C LYS B 157 11.78 -42.15 21.77
N ASN B 161 3.83 -45.50 15.92
CA ASN B 161 5.25 -45.82 15.92
C ASN B 161 5.52 -47.28 16.33
N ASP B 162 6.03 -47.47 17.55
CA ASP B 162 6.49 -48.78 18.01
C ASP B 162 5.62 -49.36 19.12
N GLY B 163 4.48 -48.75 19.43
CA GLY B 163 3.60 -49.24 20.47
C GLY B 163 4.03 -48.96 21.89
N LYS B 164 5.09 -48.16 22.09
CA LYS B 164 5.46 -47.72 23.43
C LYS B 164 4.56 -46.61 23.96
N SER B 165 3.65 -46.10 23.14
CA SER B 165 2.68 -45.10 23.56
C SER B 165 1.30 -45.50 23.05
N LYS B 166 0.27 -44.94 23.67
CA LYS B 166 -1.09 -45.29 23.34
C LYS B 166 -2.01 -44.12 23.66
N VAL B 167 -3.19 -44.14 23.06
CA VAL B 167 -4.28 -43.21 23.37
C VAL B 167 -5.37 -43.98 24.11
N THR B 168 -5.77 -43.46 25.28
CA THR B 168 -6.87 -44.03 26.07
C THR B 168 -8.06 -43.08 26.02
N HIS B 169 -9.24 -43.63 25.75
CA HIS B 169 -10.47 -42.85 25.73
C HIS B 169 -11.26 -43.13 27.02
N VAL B 170 -11.68 -42.06 27.69
CA VAL B 170 -12.46 -42.16 28.93
C VAL B 170 -13.81 -41.49 28.68
N MET B 171 -14.87 -42.28 28.72
N MET B 171 -14.87 -42.28 28.69
CA MET B 171 -16.21 -41.75 28.47
CA MET B 171 -16.20 -41.74 28.45
C MET B 171 -16.67 -40.91 29.66
C MET B 171 -16.67 -40.93 29.64
N ILE B 172 -17.18 -39.73 29.38
CA ILE B 172 -17.68 -38.82 30.40
C ILE B 172 -19.18 -38.70 30.21
N ARG B 173 -19.93 -39.15 31.21
CA ARG B 173 -21.38 -39.20 31.10
C ARG B 173 -22.00 -37.94 31.70
N CYS B 174 -23.06 -37.46 31.06
CA CYS B 174 -23.88 -36.39 31.62
C CYS B 174 -25.16 -37.02 32.16
N GLN B 175 -25.35 -36.94 33.47
CA GLN B 175 -26.53 -37.50 34.11
C GLN B 175 -27.09 -36.45 35.05
N GLU B 176 -28.34 -36.06 34.83
CA GLU B 176 -29.02 -35.06 35.65
C GLU B 176 -28.12 -33.85 35.91
N LEU B 177 -27.60 -33.27 34.82
CA LEU B 177 -26.83 -32.04 34.81
C LEU B 177 -25.45 -32.16 35.44
N LYS B 178 -25.01 -33.37 35.80
CA LYS B 178 -23.69 -33.59 36.36
C LYS B 178 -22.89 -34.56 35.50
N TYR B 179 -21.56 -34.49 35.65
CA TYR B 179 -20.62 -35.23 34.80
C TYR B 179 -19.81 -36.21 35.64
N ASP B 180 -19.57 -37.40 35.08
CA ASP B 180 -18.81 -38.41 35.77
C ASP B 180 -18.17 -39.35 34.75
N VAL B 181 -17.11 -40.05 35.18
CA VAL B 181 -16.40 -40.99 34.32
C VAL B 181 -16.85 -42.43 34.59
N GLY B 182 -18.09 -42.62 35.04
CA GLY B 182 -18.64 -43.94 35.27
C GLY B 182 -18.71 -44.36 36.71
N GLY B 183 -18.04 -43.66 37.61
CA GLY B 183 -18.11 -43.93 39.03
C GLY B 183 -17.44 -42.82 39.79
N GLY B 184 -17.67 -42.81 41.09
CA GLY B 184 -17.03 -41.84 41.95
C GLY B 184 -17.79 -40.54 42.04
N GLU B 185 -17.08 -39.41 42.03
CA GLU B 185 -17.72 -38.13 42.21
C GLU B 185 -18.46 -37.70 40.95
N ARG B 186 -19.48 -36.87 41.13
CA ARG B 186 -20.23 -36.26 40.05
C ARG B 186 -19.97 -34.76 40.09
N PHE B 187 -19.68 -34.18 38.94
CA PHE B 187 -19.18 -32.81 38.90
C PHE B 187 -20.16 -31.87 38.22
N ASP B 188 -20.19 -30.63 38.69
CA ASP B 188 -21.09 -29.61 38.15
C ASP B 188 -20.68 -29.13 36.77
N SER B 189 -19.48 -29.46 36.32
CA SER B 189 -18.99 -29.01 35.02
C SER B 189 -17.80 -29.87 34.62
N LEU B 190 -17.56 -29.93 33.30
CA LEU B 190 -16.39 -30.62 32.80
C LEU B 190 -15.11 -30.07 33.39
N THR B 191 -15.02 -28.74 33.53
CA THR B 191 -13.85 -28.14 34.16
C THR B 191 -13.58 -28.73 35.54
N ASP B 192 -14.60 -28.72 36.41
CA ASP B 192 -14.43 -29.36 37.73
C ASP B 192 -13.95 -30.80 37.56
N LEU B 193 -14.55 -31.53 36.62
CA LEU B 193 -14.15 -32.92 36.41
C LEU B 193 -12.68 -33.00 36.00
N VAL B 194 -12.27 -32.21 35.01
CA VAL B 194 -10.88 -32.27 34.54
C VAL B 194 -9.93 -31.89 35.66
N GLU B 195 -10.21 -30.79 36.37
CA GLU B 195 -9.35 -30.37 37.46
C GLU B 195 -9.19 -31.48 38.49
N HIS B 196 -10.28 -32.19 38.80
CA HIS B 196 -10.20 -33.26 39.79
C HIS B 196 -9.25 -34.37 39.33
N TYR B 197 -9.40 -34.82 38.09
CA TYR B 197 -8.58 -35.92 37.61
C TYR B 197 -7.20 -35.49 37.14
N LYS B 198 -6.94 -34.18 37.08
CA LYS B 198 -5.56 -33.71 37.02
C LYS B 198 -4.84 -33.96 38.33
N LYS B 199 -5.49 -33.62 39.46
CA LYS B 199 -4.88 -33.79 40.77
C LYS B 199 -4.93 -35.24 41.26
N ASN B 200 -5.98 -35.99 40.92
CA ASN B 200 -6.12 -37.39 41.33
C ASN B 200 -6.28 -38.25 40.08
N PRO B 201 -5.20 -38.68 39.47
CA PRO B 201 -5.29 -39.31 38.15
C PRO B 201 -5.96 -40.68 38.23
N MET B 202 -6.79 -40.94 37.22
CA MET B 202 -7.31 -42.29 37.04
C MET B 202 -6.16 -43.27 36.83
N VAL B 203 -6.35 -44.49 37.32
CA VAL B 203 -5.37 -45.56 37.18
C VAL B 203 -6.07 -46.74 36.53
N GLU B 204 -5.49 -47.24 35.45
CA GLU B 204 -6.09 -48.37 34.76
C GLU B 204 -5.76 -49.67 35.48
N THR B 205 -6.62 -50.65 35.27
CA THR B 205 -6.29 -52.01 35.68
C THR B 205 -5.04 -52.44 34.91
N LEU B 206 -4.02 -52.85 35.66
CA LEU B 206 -2.65 -53.20 35.25
C LEU B 206 -1.70 -52.01 35.44
N GLY B 207 -2.18 -50.87 35.94
CA GLY B 207 -1.30 -49.88 36.54
C GLY B 207 -1.08 -48.59 35.76
N THR B 208 -1.59 -48.45 34.54
CA THR B 208 -1.30 -47.24 33.77
C THR B 208 -2.00 -46.04 34.41
N VAL B 209 -1.22 -45.02 34.73
CA VAL B 209 -1.76 -43.77 35.28
C VAL B 209 -2.11 -42.85 34.12
N LEU B 210 -3.39 -42.46 34.05
CA LEU B 210 -3.87 -41.58 32.99
C LEU B 210 -3.62 -40.13 33.41
N GLN B 211 -2.34 -39.77 33.42
CA GLN B 211 -1.93 -38.45 33.88
C GLN B 211 -2.34 -37.38 32.87
N LEU B 212 -3.02 -36.34 33.35
CA LEU B 212 -3.44 -35.23 32.49
C LEU B 212 -2.41 -34.11 32.64
N LYS B 213 -1.32 -34.23 31.87
CA LYS B 213 -0.15 -33.40 32.10
C LYS B 213 -0.25 -32.04 31.39
N GLN B 214 -0.79 -32.02 30.17
CA GLN B 214 -0.94 -30.75 29.49
C GLN B 214 -1.97 -30.91 28.39
N PRO B 215 -2.81 -29.90 28.15
CA PRO B 215 -3.72 -29.95 27.00
C PRO B 215 -2.93 -30.15 25.71
N LEU B 216 -3.55 -30.85 24.76
CA LEU B 216 -2.89 -31.09 23.49
C LEU B 216 -2.60 -29.75 22.79
N ASN B 217 -1.41 -29.63 22.24
CA ASN B 217 -1.04 -28.41 21.52
C ASN B 217 -1.55 -28.50 20.07
N THR B 218 -2.63 -27.80 19.78
CA THR B 218 -3.15 -27.72 18.43
C THR B 218 -2.90 -26.36 17.78
N THR B 219 -2.30 -25.41 18.50
CA THR B 219 -2.04 -24.09 17.93
C THR B 219 -0.68 -23.95 17.26
N ARG B 220 0.29 -24.81 17.62
CA ARG B 220 1.59 -24.79 16.96
C ARG B 220 1.44 -25.40 15.57
N ILE B 221 1.79 -24.64 14.53
CA ILE B 221 1.68 -25.16 13.17
C ILE B 221 2.89 -24.75 12.35
N ASN B 222 3.15 -25.54 11.30
CA ASN B 222 4.20 -25.18 10.37
C ASN B 222 3.83 -23.91 9.62
N ALA B 223 4.84 -23.09 9.31
CA ALA B 223 4.57 -21.78 8.71
C ALA B 223 3.80 -21.88 7.40
N ALA B 224 4.04 -22.94 6.61
CA ALA B 224 3.31 -23.13 5.35
C ALA B 224 1.82 -23.40 5.55
N GLU B 225 1.42 -23.85 6.73
CA GLU B 225 0.02 -24.16 6.99
C GLU B 225 -0.76 -22.96 7.53
N ILE B 226 -0.12 -21.80 7.66
CA ILE B 226 -0.79 -20.65 8.28
C ILE B 226 -2.01 -20.26 7.46
N GLU B 227 -1.89 -20.24 6.14
CA GLU B 227 -3.02 -19.86 5.30
C GLU B 227 -4.22 -20.75 5.54
N SER B 228 -4.01 -22.07 5.55
CA SER B 228 -5.09 -23.00 5.87
C SER B 228 -5.65 -22.76 7.27
N ARG B 229 -4.77 -22.57 8.26
CA ARG B 229 -5.24 -22.29 9.61
C ARG B 229 -6.07 -21.01 9.65
N VAL B 230 -5.60 -19.96 8.98
CA VAL B 230 -6.35 -18.71 8.96
C VAL B 230 -7.70 -18.90 8.31
N ARG B 231 -7.75 -19.71 7.25
CA ARG B 231 -9.03 -20.01 6.62
C ARG B 231 -9.95 -20.76 7.59
N GLU B 232 -9.42 -21.77 8.27
CA GLU B 232 -10.19 -22.47 9.29
C GLU B 232 -10.69 -21.52 10.37
N LEU B 233 -9.83 -20.62 10.86
CA LEU B 233 -10.24 -19.71 11.93
C LEU B 233 -11.25 -18.68 11.46
N SER B 234 -11.33 -18.42 10.15
CA SER B 234 -12.24 -17.43 9.60
C SER B 234 -13.64 -17.96 9.30
N LYS B 235 -13.83 -19.28 9.26
CA LYS B 235 -15.09 -19.89 8.84
C LYS B 235 -16.23 -19.52 9.80
N LEU B 236 -17.41 -20.09 9.54
CA LEU B 236 -18.60 -19.95 10.39
C LEU B 236 -19.06 -18.50 10.50
N GLN B 245 -16.87 -19.03 15.69
CA GLN B 245 -15.74 -18.70 14.83
C GLN B 245 -14.41 -19.01 15.49
N GLY B 246 -13.49 -19.56 14.69
CA GLY B 246 -12.24 -20.04 15.24
C GLY B 246 -11.42 -18.95 15.92
N PHE B 247 -11.31 -17.78 15.28
CA PHE B 247 -10.51 -16.70 15.84
C PHE B 247 -11.01 -16.30 17.23
N TRP B 248 -12.33 -16.12 17.37
CA TRP B 248 -12.88 -15.67 18.65
C TRP B 248 -12.73 -16.74 19.72
N GLU B 249 -13.04 -18.00 19.39
CA GLU B 249 -12.86 -19.08 20.34
C GLU B 249 -11.40 -19.22 20.75
N GLU B 250 -10.49 -19.10 19.80
CA GLU B 250 -9.08 -19.20 20.17
C GLU B 250 -8.67 -18.03 21.05
N PHE B 251 -9.04 -16.80 20.68
CA PHE B 251 -8.66 -15.64 21.46
C PHE B 251 -9.20 -15.73 22.89
N GLU B 252 -10.48 -16.07 23.04
CA GLU B 252 -11.04 -16.18 24.39
C GLU B 252 -10.42 -17.31 25.20
N THR B 253 -9.92 -18.35 24.52
CA THR B 253 -9.19 -19.39 25.24
C THR B 253 -7.87 -18.83 25.77
N LEU B 254 -7.18 -18.03 24.97
CA LEU B 254 -5.98 -17.35 25.44
C LEU B 254 -6.32 -16.42 26.60
N GLN B 255 -7.40 -15.67 26.49
CA GLN B 255 -7.75 -14.71 27.53
C GLN B 255 -8.01 -15.41 28.86
N GLN B 256 -8.60 -16.60 28.83
CA GLN B 256 -8.87 -17.32 30.07
C GLN B 256 -7.60 -17.58 30.87
N GLN B 257 -6.46 -17.69 30.20
CA GLN B 257 -5.21 -17.97 30.89
C GLN B 257 -4.54 -16.71 31.42
N GLU B 258 -5.15 -15.54 31.28
CA GLU B 258 -4.50 -14.34 31.82
C GLU B 258 -4.46 -14.34 33.35
N CYS B 259 -5.24 -15.21 34.01
CA CYS B 259 -5.18 -15.26 35.47
CA CYS B 259 -5.20 -15.30 35.47
C CYS B 259 -3.90 -15.87 35.99
N LYS B 260 -3.15 -16.59 35.15
CA LYS B 260 -1.83 -17.07 35.48
C LYS B 260 -0.78 -15.97 35.48
N LEU B 261 -1.14 -14.74 35.09
CA LEU B 261 -0.15 -13.70 34.85
C LEU B 261 -0.29 -12.52 35.80
N LEU B 262 -0.85 -12.76 37.00
CA LEU B 262 -1.10 -11.68 37.94
C LEU B 262 0.12 -11.46 38.83
N TYR B 263 1.24 -11.14 38.19
CA TYR B 263 2.50 -10.97 38.89
C TYR B 263 2.53 -9.60 39.57
N SER B 264 3.44 -9.46 40.53
CA SER B 264 3.40 -8.26 41.35
C SER B 264 3.86 -7.06 40.53
N ARG B 265 3.29 -5.91 40.87
CA ARG B 265 3.55 -4.59 40.31
C ARG B 265 3.68 -3.59 41.45
N LYS B 266 4.44 -3.97 42.49
CA LYS B 266 4.55 -3.13 43.68
C LYS B 266 5.31 -1.84 43.42
N GLU B 267 6.40 -1.89 42.66
CA GLU B 267 7.20 -0.69 42.48
C GLU B 267 6.39 0.42 41.84
N GLY B 268 5.62 0.11 40.79
CA GLY B 268 4.80 1.15 40.17
C GLY B 268 3.68 1.67 41.06
N GLN B 269 3.37 0.97 42.15
CA GLN B 269 2.33 1.38 43.08
C GLN B 269 2.83 2.27 44.20
N ARG B 270 4.15 2.38 44.39
CA ARG B 270 4.70 3.24 45.43
C ARG B 270 4.26 4.69 45.23
N GLN B 271 4.05 5.39 46.34
CA GLN B 271 3.58 6.78 46.28
C GLN B 271 4.47 7.63 45.39
N GLU B 272 5.79 7.47 45.48
CA GLU B 272 6.67 8.35 44.75
C GLU B 272 6.65 8.07 43.25
N ASN B 273 6.07 6.94 42.83
CA ASN B 273 6.05 6.56 41.43
C ASN B 273 4.69 6.73 40.79
N LYS B 274 3.67 7.08 41.57
CA LYS B 274 2.31 7.11 41.04
C LYS B 274 2.18 8.03 39.83
N ASN B 275 2.76 9.24 39.90
CA ASN B 275 2.61 10.20 38.81
CA ASN B 275 2.61 10.20 38.81
C ASN B 275 3.58 9.96 37.65
N LYS B 276 4.34 8.87 37.68
CA LYS B 276 5.16 8.46 36.56
C LYS B 276 4.43 7.49 35.64
N ASN B 277 3.17 7.17 35.95
CA ASN B 277 2.33 6.28 35.16
C ASN B 277 1.26 7.10 34.46
N ARG B 278 1.14 6.90 33.14
CA ARG B 278 0.08 7.54 32.39
C ARG B 278 -1.28 7.12 32.89
N TYR B 279 -1.42 5.84 33.25
CA TYR B 279 -2.65 5.28 33.79
C TYR B 279 -2.29 4.56 35.09
N LYS B 280 -2.89 5.01 36.20
CA LYS B 280 -2.42 4.61 37.52
C LYS B 280 -2.44 3.09 37.75
N ASN B 281 -3.30 2.35 37.06
CA ASN B 281 -3.39 0.91 37.26
C ASN B 281 -2.73 0.09 36.16
N ILE B 282 -2.11 0.72 35.17
CA ILE B 282 -1.40 0.00 34.12
C ILE B 282 0.08 0.10 34.45
N LEU B 283 0.64 -0.99 34.98
CA LEU B 283 1.92 -0.95 35.65
C LEU B 283 2.85 -2.05 35.18
N PRO B 284 4.16 -1.81 35.24
CA PRO B 284 5.12 -2.84 34.84
C PRO B 284 5.28 -3.90 35.92
N PHE B 285 5.37 -5.16 35.49
CA PHE B 285 5.73 -6.23 36.42
C PHE B 285 7.06 -5.90 37.07
N ASP B 286 7.13 -6.09 38.40
CA ASP B 286 8.38 -5.88 39.12
C ASP B 286 9.51 -6.70 38.52
N HIS B 287 9.22 -7.93 38.08
CA HIS B 287 10.32 -8.82 37.71
C HIS B 287 10.89 -8.55 36.32
N THR B 288 10.20 -7.78 35.49
CA THR B 288 10.74 -7.43 34.18
C THR B 288 10.92 -5.93 33.97
N ARG B 289 10.60 -5.09 34.95
CA ARG B 289 10.66 -3.65 34.76
C ARG B 289 12.09 -3.22 34.49
N VAL B 290 12.22 -2.13 33.74
CA VAL B 290 13.51 -1.51 33.52
C VAL B 290 13.86 -0.75 34.80
N VAL B 291 15.01 -1.07 35.39
CA VAL B 291 15.49 -0.38 36.57
C VAL B 291 16.53 0.65 36.15
N LEU B 292 16.29 1.92 36.45
CA LEU B 292 17.20 2.99 36.07
C LEU B 292 18.27 3.17 37.15
N HIS B 293 19.53 3.13 36.75
CA HIS B 293 20.66 3.31 37.65
C HIS B 293 21.23 4.72 37.48
N ASP B 294 22.19 5.05 38.36
CA ASP B 294 22.89 6.35 38.34
C ASP B 294 21.91 7.52 38.42
N GLY B 295 20.96 7.42 39.34
CA GLY B 295 19.96 8.46 39.51
C GLY B 295 20.54 9.76 40.06
N PRO B 300 14.79 10.80 45.88
CA PRO B 300 14.76 9.61 46.74
C PRO B 300 14.61 8.31 45.94
N VAL B 301 13.57 8.24 45.12
CA VAL B 301 13.35 7.10 44.24
C VAL B 301 13.49 7.59 42.81
N SER B 302 14.60 7.22 42.18
CA SER B 302 14.89 7.61 40.80
C SER B 302 15.12 6.39 39.92
N ASP B 303 14.70 5.20 40.35
CA ASP B 303 15.00 4.00 39.58
C ASP B 303 13.84 3.50 38.74
N TYR B 304 12.74 4.25 38.69
CA TYR B 304 11.49 3.73 38.16
C TYR B 304 11.12 4.37 36.83
N ILE B 305 10.69 3.53 35.89
CA ILE B 305 10.01 3.97 34.67
C ILE B 305 8.99 2.89 34.30
N ASN B 306 7.83 3.33 33.80
CA ASN B 306 6.79 2.39 33.38
C ASN B 306 7.22 1.77 32.04
N ALA B 307 8.03 0.73 32.15
CA ALA B 307 8.63 0.06 31.00
C ALA B 307 9.08 -1.32 31.43
N ASN B 308 9.00 -2.29 30.51
CA ASN B 308 9.44 -3.65 30.79
C ASN B 308 10.35 -4.13 29.68
N ILE B 309 11.37 -4.90 30.04
CA ILE B 309 12.13 -5.64 29.04
C ILE B 309 11.29 -6.80 28.53
N ILE B 310 11.25 -6.97 27.22
CA ILE B 310 10.57 -8.11 26.61
C ILE B 310 11.64 -8.94 25.92
N MET B 311 11.83 -10.17 26.42
CA MET B 311 12.84 -11.09 25.91
CA MET B 311 12.84 -11.09 25.91
C MET B 311 12.15 -12.29 25.30
N PRO B 312 12.22 -12.49 23.99
CA PRO B 312 11.58 -13.66 23.38
C PRO B 312 12.18 -14.95 23.94
N GLU B 313 11.32 -15.95 24.10
CA GLU B 313 11.74 -17.27 24.58
C GLU B 313 10.67 -18.32 24.27
N PRO B 323 22.99 -12.85 17.99
CA PRO B 323 22.31 -11.78 18.72
C PRO B 323 20.79 -11.86 18.65
N LYS B 324 20.17 -12.27 19.76
CA LYS B 324 18.73 -12.32 19.87
C LYS B 324 18.20 -10.92 20.17
N LYS B 325 17.21 -10.47 19.39
CA LYS B 325 16.68 -9.13 19.54
C LYS B 325 15.74 -9.08 20.73
N SER B 326 15.91 -8.09 21.60
CA SER B 326 14.96 -7.88 22.68
C SER B 326 14.30 -6.51 22.54
N TYR B 327 13.24 -6.30 23.32
CA TYR B 327 12.45 -5.07 23.24
C TYR B 327 12.32 -4.43 24.60
N ILE B 328 12.03 -3.14 24.59
CA ILE B 328 11.47 -2.47 25.77
C ILE B 328 10.09 -1.97 25.38
N ALA B 329 9.07 -2.47 26.05
CA ALA B 329 7.71 -1.99 25.86
C ALA B 329 7.44 -0.90 26.89
N THR B 330 7.03 0.29 26.44
CA THR B 330 6.79 1.36 27.39
C THR B 330 5.61 2.23 26.96
N GLN B 331 5.16 3.07 27.88
CA GLN B 331 4.06 4.00 27.64
C GLN B 331 4.54 5.21 26.83
N GLY B 332 3.59 5.99 26.34
CA GLY B 332 3.94 7.30 25.80
C GLY B 332 4.45 8.21 26.92
N CYS B 333 5.42 9.06 26.58
CA CYS B 333 6.02 9.91 27.60
C CYS B 333 5.00 10.77 28.31
N LEU B 334 5.20 10.94 29.62
CA LEU B 334 4.60 12.00 30.39
C LEU B 334 5.60 13.14 30.46
N GLN B 335 5.10 14.37 30.57
CA GLN B 335 6.00 15.51 30.69
C GLN B 335 7.06 15.27 31.75
N ASN B 336 6.65 14.72 32.89
CA ASN B 336 7.59 14.52 33.98
C ASN B 336 8.38 13.23 33.88
N THR B 337 8.20 12.42 32.81
CA THR B 337 9.05 11.25 32.63
C THR B 337 9.88 11.30 31.36
N VAL B 338 9.92 12.45 30.68
CA VAL B 338 10.77 12.57 29.49
C VAL B 338 12.24 12.36 29.84
N ASN B 339 12.70 12.96 30.95
CA ASN B 339 14.10 12.79 31.30
C ASN B 339 14.42 11.32 31.60
N ASP B 340 13.54 10.64 32.34
CA ASP B 340 13.72 9.21 32.63
C ASP B 340 13.71 8.38 31.34
N PHE B 341 12.87 8.75 30.38
CA PHE B 341 12.87 8.04 29.10
C PHE B 341 14.25 8.07 28.46
N TRP B 342 14.86 9.26 28.35
CA TRP B 342 16.19 9.30 27.75
C TRP B 342 17.23 8.59 28.61
N ARG B 343 17.11 8.66 29.95
CA ARG B 343 17.99 7.87 30.81
C ARG B 343 17.86 6.38 30.47
N MET B 344 16.63 5.91 30.27
CA MET B 344 16.43 4.51 29.91
C MET B 344 17.11 4.17 28.59
N VAL B 345 16.87 5.00 27.56
CA VAL B 345 17.43 4.71 26.24
C VAL B 345 18.94 4.66 26.30
N PHE B 346 19.55 5.64 26.99
CA PHE B 346 20.99 5.68 27.14
C PHE B 346 21.51 4.45 27.88
N GLN B 347 20.95 4.20 29.06
CA GLN B 347 21.41 3.10 29.90
C GLN B 347 21.31 1.76 29.20
N GLU B 348 20.20 1.50 28.52
CA GLU B 348 20.02 0.20 27.89
C GLU B 348 20.68 0.12 26.53
N ASN B 349 21.31 1.18 26.07
CA ASN B 349 22.05 1.18 24.81
C ASN B 349 21.14 0.93 23.62
N SER B 350 19.87 1.33 23.74
CA SER B 350 18.93 1.19 22.64
C SER B 350 19.26 2.15 21.51
N ARG B 351 19.25 1.63 20.28
CA ARG B 351 19.60 2.45 19.11
C ARG B 351 18.41 2.67 18.19
N VAL B 352 17.26 2.09 18.50
CA VAL B 352 16.08 2.16 17.65
C VAL B 352 14.87 2.36 18.55
N ILE B 353 14.00 3.28 18.16
CA ILE B 353 12.73 3.50 18.85
C ILE B 353 11.61 3.35 17.85
N VAL B 354 10.56 2.63 18.23
CA VAL B 354 9.35 2.50 17.42
C VAL B 354 8.23 3.20 18.16
N MET B 355 7.66 4.23 17.55
CA MET B 355 6.50 4.93 18.11
C MET B 355 5.28 4.55 17.28
N THR B 356 4.23 4.07 17.92
CA THR B 356 3.13 3.47 17.17
C THR B 356 1.91 4.38 17.10
N THR B 357 1.99 5.58 17.64
CA THR B 357 0.87 6.50 17.68
C THR B 357 1.31 7.82 17.10
N LYS B 358 0.33 8.60 16.63
CA LYS B 358 0.56 10.04 16.55
C LYS B 358 0.55 10.61 17.96
N GLU B 359 1.07 11.84 18.09
CA GLU B 359 1.04 12.49 19.40
C GLU B 359 -0.38 12.83 19.82
N VAL B 360 -1.25 13.13 18.86
CA VAL B 360 -2.65 13.42 19.14
C VAL B 360 -3.55 12.53 18.29
N LYS B 369 5.52 14.81 22.49
CA LYS B 369 6.78 15.05 21.81
C LYS B 369 7.93 15.16 22.80
N TYR B 370 8.88 14.23 22.70
CA TYR B 370 10.00 14.13 23.62
C TYR B 370 11.34 14.30 22.92
N TRP B 371 11.33 14.74 21.67
CA TRP B 371 12.49 14.91 20.82
C TRP B 371 12.51 16.34 20.30
N PRO B 372 13.68 16.85 19.91
CA PRO B 372 13.75 18.23 19.43
C PRO B 372 13.19 18.35 18.02
N ASP B 373 12.84 19.57 17.64
CA ASP B 373 12.52 19.86 16.25
C ASP B 373 13.73 19.52 15.37
N GLU B 374 13.45 19.28 14.10
CA GLU B 374 14.53 18.95 13.16
C GLU B 374 15.62 20.03 13.21
N TYR B 375 16.87 19.58 13.27
CA TYR B 375 18.09 20.38 13.32
C TYR B 375 18.34 21.03 14.68
N ALA B 376 17.45 20.86 15.65
CA ALA B 376 17.59 21.49 16.95
C ALA B 376 18.26 20.56 17.95
N LEU B 377 18.71 21.14 19.05
CA LEU B 377 19.36 20.41 20.13
C LEU B 377 18.68 20.77 21.43
N LYS B 378 18.39 19.76 22.26
CA LYS B 378 17.80 20.01 23.58
C LYS B 378 18.47 19.14 24.63
N GLU B 379 18.46 19.63 25.87
CA GLU B 379 18.90 18.84 27.01
C GLU B 379 17.66 18.39 27.79
N TYR B 380 17.65 17.10 28.14
CA TYR B 380 16.59 16.47 28.91
C TYR B 380 17.30 15.98 30.17
N GLY B 381 17.31 16.82 31.21
CA GLY B 381 18.14 16.52 32.37
C GLY B 381 19.59 16.36 31.92
N VAL B 382 20.21 15.24 32.30
CA VAL B 382 21.62 15.00 31.98
C VAL B 382 21.86 14.54 30.55
N MET B 383 20.80 14.30 29.77
CA MET B 383 20.91 13.72 28.44
C MET B 383 20.72 14.80 27.38
N ARG B 384 21.58 14.78 26.36
CA ARG B 384 21.53 15.74 25.26
C ARG B 384 21.10 15.03 23.98
N VAL B 385 20.16 15.64 23.25
CA VAL B 385 19.62 15.05 22.02
C VAL B 385 19.63 16.08 20.91
N ARG B 386 20.30 15.75 19.81
CA ARG B 386 20.17 16.49 18.56
C ARG B 386 19.30 15.70 17.60
N ASN B 387 18.33 16.38 16.97
CA ASN B 387 17.57 15.84 15.84
C ASN B 387 18.36 16.16 14.57
N VAL B 388 19.10 15.18 14.07
CA VAL B 388 20.02 15.41 12.95
C VAL B 388 19.25 15.63 11.66
N LYS B 389 18.25 14.78 11.38
CA LYS B 389 17.57 14.76 10.10
C LYS B 389 16.29 13.96 10.23
N GLU B 390 15.21 14.47 9.63
CA GLU B 390 13.95 13.75 9.49
C GLU B 390 13.74 13.36 8.04
N SER B 391 13.23 12.16 7.83
CA SER B 391 12.95 11.59 6.51
C SER B 391 11.54 11.01 6.56
N ALA B 392 10.67 11.42 5.65
CA ALA B 392 9.27 11.02 5.72
C ALA B 392 8.95 10.00 4.64
N ALA B 393 8.23 8.96 5.01
CA ALA B 393 7.61 8.04 4.08
C ALA B 393 6.11 8.13 4.29
N HIS B 394 5.35 7.40 3.47
CA HIS B 394 3.90 7.47 3.64
C HIS B 394 3.48 6.96 5.01
N ASP B 395 4.00 5.81 5.41
CA ASP B 395 3.54 5.14 6.62
C ASP B 395 4.24 5.63 7.88
N TYR B 396 5.35 6.35 7.77
CA TYR B 396 6.14 6.63 8.95
C TYR B 396 7.13 7.74 8.66
N THR B 397 7.56 8.40 9.74
CA THR B 397 8.64 9.38 9.72
C THR B 397 9.83 8.78 10.44
N LEU B 398 11.01 8.92 9.86
CA LEU B 398 12.25 8.53 10.51
C LEU B 398 12.96 9.76 11.05
N ARG B 399 13.33 9.75 12.33
CA ARG B 399 14.13 10.83 12.88
C ARG B 399 15.48 10.27 13.32
N GLU B 400 16.55 10.80 12.74
CA GLU B 400 17.90 10.40 13.13
C GLU B 400 18.34 11.30 14.29
N LEU B 401 18.43 10.71 15.47
CA LEU B 401 18.70 11.42 16.72
C LEU B 401 20.09 11.08 17.21
N LYS B 402 20.81 12.06 17.76
CA LYS B 402 22.09 11.81 18.40
C LYS B 402 21.94 12.04 19.90
N LEU B 403 22.20 11.00 20.67
CA LEU B 403 21.99 11.02 22.11
C LEU B 403 23.33 10.93 22.81
N SER B 404 23.55 11.81 23.80
CA SER B 404 24.78 11.76 24.57
C SER B 404 24.51 12.30 25.96
N LYS B 405 25.41 11.99 26.89
CA LYS B 405 25.32 12.56 28.22
C LYS B 405 26.08 13.88 28.27
N VAL B 406 25.50 14.89 28.92
CA VAL B 406 26.15 16.21 28.96
C VAL B 406 27.49 16.08 29.67
N GLY B 407 28.48 16.79 29.14
CA GLY B 407 29.82 16.79 29.67
C GLY B 407 30.72 15.66 29.18
N GLN B 408 30.20 14.74 28.34
CA GLN B 408 30.94 13.53 27.93
C GLN B 408 30.65 13.26 26.44
N GLY B 409 31.37 13.97 25.56
CA GLY B 409 31.15 13.81 24.14
C GLY B 409 31.42 12.42 23.62
N ASN B 410 32.21 11.62 24.33
CA ASN B 410 32.53 10.27 23.92
C ASN B 410 31.40 9.27 24.19
N THR B 411 30.25 9.73 24.69
CA THR B 411 29.10 8.87 24.95
C THR B 411 28.04 8.98 23.86
N GLU B 412 28.33 9.72 22.79
CA GLU B 412 27.36 9.92 21.72
C GLU B 412 27.04 8.62 20.99
N ARG B 413 25.75 8.41 20.70
CA ARG B 413 25.35 7.36 19.79
C ARG B 413 24.10 7.82 19.05
N THR B 414 23.91 7.28 17.84
CA THR B 414 22.73 7.59 17.06
C THR B 414 21.57 6.71 17.49
N VAL B 415 20.43 7.33 17.72
CA VAL B 415 19.17 6.65 17.97
C VAL B 415 18.27 6.94 16.78
N TRP B 416 17.75 5.89 16.15
CA TRP B 416 16.87 6.02 15.00
C TRP B 416 15.44 5.85 15.47
N GLN B 417 14.64 6.91 15.33
CA GLN B 417 13.26 6.90 15.82
C GLN B 417 12.32 6.73 14.64
N TYR B 418 11.57 5.61 14.65
CA TYR B 418 10.64 5.27 13.58
C TYR B 418 9.23 5.56 14.08
N HIS B 419 8.58 6.56 13.51
CA HIS B 419 7.29 7.04 14.01
C HIS B 419 6.20 6.61 13.03
N PHE B 420 5.54 5.48 13.33
CA PHE B 420 4.49 4.95 12.48
C PHE B 420 3.27 5.86 12.51
N ARG B 421 2.75 6.24 11.34
CA ARG B 421 1.71 7.26 11.25
C ARG B 421 0.35 6.78 10.78
N THR B 422 0.23 5.59 10.17
CA THR B 422 -1.01 5.25 9.49
C THR B 422 -1.83 4.19 10.20
N TRP B 423 -1.60 3.98 11.49
CA TRP B 423 -2.50 3.11 12.23
C TRP B 423 -3.85 3.80 12.31
N PRO B 424 -4.95 3.13 11.98
CA PRO B 424 -6.25 3.80 11.92
C PRO B 424 -6.71 4.29 13.29
N ASP B 425 -7.60 5.29 13.25
CA ASP B 425 -8.15 5.80 14.50
C ASP B 425 -8.99 4.75 15.20
N HIS B 426 -9.63 3.87 14.43
CA HIS B 426 -10.44 2.78 14.95
C HIS B 426 -9.91 1.46 14.42
N GLY B 427 -9.82 0.47 15.28
CA GLY B 427 -9.51 -0.86 14.82
C GLY B 427 -8.03 -1.06 14.50
N VAL B 428 -7.77 -1.90 13.52
CA VAL B 428 -6.40 -2.25 13.12
C VAL B 428 -6.29 -1.95 11.63
N PRO B 429 -5.08 -1.89 11.09
CA PRO B 429 -4.95 -1.63 9.64
C PRO B 429 -5.65 -2.70 8.83
N SER B 430 -6.30 -2.29 7.75
CA SER B 430 -6.98 -3.26 6.88
C SER B 430 -6.00 -4.11 6.08
N ASP B 431 -4.78 -3.63 5.89
CA ASP B 431 -3.76 -4.33 5.11
C ASP B 431 -2.51 -4.33 5.97
N PRO B 432 -1.89 -5.48 6.22
CA PRO B 432 -0.69 -5.51 7.08
C PRO B 432 0.60 -5.14 6.37
N GLY B 433 0.57 -4.86 5.07
CA GLY B 433 1.82 -4.61 4.35
C GLY B 433 2.58 -3.40 4.87
N GLY B 434 1.85 -2.36 5.26
CA GLY B 434 2.52 -1.19 5.83
C GLY B 434 3.26 -1.52 7.11
N VAL B 435 2.58 -2.20 8.04
CA VAL B 435 3.24 -2.60 9.28
C VAL B 435 4.44 -3.50 8.98
N LEU B 436 4.29 -4.42 8.02
CA LEU B 436 5.34 -5.38 7.72
C LEU B 436 6.56 -4.72 7.07
N ASP B 437 6.32 -3.86 6.07
CA ASP B 437 7.44 -3.16 5.44
C ASP B 437 8.14 -2.26 6.44
N PHE B 438 7.37 -1.62 7.32
CA PHE B 438 7.94 -0.86 8.44
C PHE B 438 8.85 -1.73 9.31
N LEU B 439 8.33 -2.86 9.81
CA LEU B 439 9.15 -3.70 10.67
C LEU B 439 10.36 -4.27 9.95
N GLU B 440 10.24 -4.57 8.66
CA GLU B 440 11.40 -5.07 7.92
C GLU B 440 12.52 -4.02 7.93
N GLU B 441 12.16 -2.75 7.72
CA GLU B 441 13.17 -1.68 7.70
C GLU B 441 13.78 -1.51 9.09
N VAL B 442 12.94 -1.44 10.12
CA VAL B 442 13.39 -1.35 11.50
C VAL B 442 14.33 -2.51 11.84
N HIS B 443 14.01 -3.72 11.37
CA HIS B 443 14.85 -4.86 11.66
C HIS B 443 16.24 -4.71 11.04
N HIS B 444 16.31 -4.28 9.78
CA HIS B 444 17.63 -4.17 9.16
C HIS B 444 18.41 -3.00 9.74
N LYS B 445 17.75 -1.93 10.15
CA LYS B 445 18.46 -0.89 10.88
C LYS B 445 19.13 -1.46 12.12
N GLN B 446 18.34 -2.17 12.94
CA GLN B 446 18.88 -2.76 14.17
C GLN B 446 20.01 -3.74 13.88
N GLU B 447 19.84 -4.58 12.86
CA GLU B 447 20.86 -5.57 12.57
C GLU B 447 22.16 -4.93 12.10
N SER B 448 22.07 -3.75 11.47
CA SER B 448 23.25 -3.06 10.99
C SER B 448 24.07 -2.41 12.09
N ILE B 449 23.56 -2.34 13.32
CA ILE B 449 24.22 -1.62 14.40
C ILE B 449 24.83 -2.61 15.36
N MET B 450 26.16 -2.64 15.43
CA MET B 450 26.84 -3.59 16.28
C MET B 450 26.54 -3.31 17.75
N ASP B 451 26.20 -4.37 18.49
CA ASP B 451 25.98 -4.32 19.93
C ASP B 451 24.83 -3.38 20.32
N ALA B 452 23.89 -3.15 19.41
CA ALA B 452 22.71 -2.36 19.73
C ALA B 452 21.88 -3.03 20.81
N GLY B 453 21.35 -2.23 21.74
CA GLY B 453 20.51 -2.73 22.79
C GLY B 453 19.08 -2.98 22.34
N PRO B 454 18.17 -3.16 23.30
CA PRO B 454 16.80 -3.52 22.96
C PRO B 454 16.10 -2.45 22.14
N VAL B 455 15.17 -2.88 21.31
CA VAL B 455 14.38 -1.94 20.52
C VAL B 455 13.25 -1.41 21.40
N VAL B 456 13.15 -0.08 21.52
CA VAL B 456 12.10 0.53 22.34
C VAL B 456 10.83 0.68 21.51
N VAL B 457 9.69 0.26 22.08
CA VAL B 457 8.42 0.33 21.37
C VAL B 457 7.40 0.97 22.30
N HIS B 458 6.71 2.01 21.84
CA HIS B 458 5.75 2.65 22.74
C HIS B 458 4.52 3.16 21.98
N CYS B 459 3.39 3.16 22.67
CA CYS B 459 2.14 3.77 22.21
C CYS B 459 1.51 4.56 23.36
N SER B 460 0.21 4.42 23.57
CA SER B 460 -0.44 5.13 24.67
C SER B 460 -0.08 4.47 26.01
N ALA B 461 -0.71 3.34 26.32
CA ALA B 461 -0.34 2.64 27.54
C ALA B 461 0.81 1.66 27.34
N GLY B 462 1.25 1.46 26.10
CA GLY B 462 2.34 0.56 25.85
C GLY B 462 2.00 -0.91 25.93
N ILE B 463 0.74 -1.28 25.72
CA ILE B 463 0.39 -2.71 25.78
C ILE B 463 -0.34 -3.20 24.54
N GLY B 464 -1.18 -2.36 23.93
CA GLY B 464 -2.02 -2.79 22.83
C GLY B 464 -1.30 -2.79 21.49
N ARG B 465 -1.19 -1.62 20.87
CA ARG B 465 -0.43 -1.54 19.63
C ARG B 465 1.00 -2.00 19.85
N THR B 466 1.60 -1.60 20.97
CA THR B 466 2.98 -1.99 21.28
C THR B 466 3.11 -3.51 21.34
N GLY B 467 2.22 -4.17 22.07
CA GLY B 467 2.27 -5.63 22.09
C GLY B 467 2.09 -6.23 20.72
N THR B 468 1.22 -5.63 19.91
CA THR B 468 0.93 -6.18 18.58
C THR B 468 2.14 -6.09 17.67
N PHE B 469 2.81 -4.92 17.64
CA PHE B 469 4.05 -4.77 16.86
C PHE B 469 5.12 -5.75 17.32
N ILE B 470 5.32 -5.86 18.63
CA ILE B 470 6.39 -6.71 19.15
C ILE B 470 6.14 -8.17 18.78
N VAL B 471 4.89 -8.63 18.91
CA VAL B 471 4.58 -10.03 18.62
C VAL B 471 4.77 -10.31 17.13
N ILE B 472 4.28 -9.42 16.27
CA ILE B 472 4.52 -9.60 14.84
C ILE B 472 6.01 -9.67 14.57
N ASP B 473 6.76 -8.72 15.14
CA ASP B 473 8.21 -8.69 14.93
C ASP B 473 8.88 -10.00 15.35
N ILE B 474 8.47 -10.54 16.49
CA ILE B 474 9.03 -11.82 16.96
C ILE B 474 8.74 -12.92 15.96
N LEU B 475 7.49 -12.99 15.49
CA LEU B 475 7.08 -14.09 14.63
C LEU B 475 7.72 -13.98 13.25
N ILE B 476 7.75 -12.79 12.65
CA ILE B 476 8.36 -12.71 11.32
C ILE B 476 9.87 -12.89 11.41
N ASP B 477 10.48 -12.58 12.57
CA ASP B 477 11.90 -12.86 12.77
C ASP B 477 12.19 -14.34 12.60
N ILE B 478 11.33 -15.20 13.14
CA ILE B 478 11.48 -16.66 12.97
C ILE B 478 11.41 -17.03 11.51
N ILE B 479 10.38 -16.54 10.82
CA ILE B 479 10.18 -16.89 9.41
C ILE B 479 11.31 -16.31 8.55
N ARG B 480 11.76 -15.10 8.86
CA ARG B 480 12.83 -14.48 8.07
C ARG B 480 14.10 -15.32 8.10
N GLU B 481 14.44 -15.88 9.25
CA GLU B 481 15.68 -16.64 9.40
C GLU B 481 15.55 -18.09 8.95
N LYS B 482 14.37 -18.69 9.12
CA LYS B 482 14.18 -20.11 8.84
C LYS B 482 13.29 -20.39 7.64
N GLY B 483 12.67 -19.36 7.07
CA GLY B 483 11.81 -19.59 5.95
C GLY B 483 10.55 -20.30 6.37
N VAL B 484 10.02 -21.12 5.46
CA VAL B 484 8.74 -21.77 5.68
C VAL B 484 8.88 -23.03 6.52
N ASP B 485 10.10 -23.48 6.77
CA ASP B 485 10.32 -24.70 7.55
C ASP B 485 10.56 -24.33 9.01
N CYS B 486 9.50 -23.77 9.61
CA CYS B 486 9.53 -23.44 11.02
C CYS B 486 8.14 -23.57 11.60
N ASP B 487 8.07 -23.84 12.90
CA ASP B 487 6.83 -23.87 13.65
C ASP B 487 6.49 -22.48 14.17
N ILE B 488 5.23 -22.10 14.02
CA ILE B 488 4.68 -20.86 14.55
C ILE B 488 3.57 -21.22 15.53
N ASP B 489 3.52 -20.55 16.68
CA ASP B 489 2.44 -20.75 17.67
C ASP B 489 2.08 -19.36 18.20
N VAL B 490 1.09 -18.72 17.59
CA VAL B 490 0.78 -17.32 17.91
C VAL B 490 0.37 -17.16 19.38
N PRO B 491 -0.58 -17.92 19.93
CA PRO B 491 -0.96 -17.68 21.35
C PRO B 491 0.16 -17.97 22.33
N LYS B 492 1.02 -18.96 22.05
CA LYS B 492 2.16 -19.21 22.92
C LYS B 492 3.11 -18.02 22.94
N THR B 493 3.35 -17.43 21.77
CA THR B 493 4.20 -16.25 21.71
C THR B 493 3.58 -15.09 22.49
N ILE B 494 2.27 -14.88 22.34
CA ILE B 494 1.60 -13.79 23.06
C ILE B 494 1.61 -14.04 24.56
N GLN B 495 1.29 -15.26 25.00
CA GLN B 495 1.32 -15.56 26.43
C GLN B 495 2.70 -15.33 27.03
N MET B 496 3.76 -15.68 26.30
CA MET B 496 5.12 -15.46 26.76
C MET B 496 5.44 -13.96 26.90
N VAL B 497 4.97 -13.15 25.95
CA VAL B 497 5.18 -11.70 26.04
C VAL B 497 4.32 -11.09 27.14
N ARG B 498 3.08 -11.60 27.29
CA ARG B 498 2.19 -11.14 28.35
C ARG B 498 2.70 -11.48 29.74
N SER B 499 3.59 -12.46 29.86
CA SER B 499 4.19 -12.75 31.16
C SER B 499 5.27 -11.73 31.50
N GLN B 500 5.62 -10.86 30.55
CA GLN B 500 6.67 -9.86 30.77
C GLN B 500 6.14 -8.43 30.79
N ARG B 501 4.91 -8.21 30.35
CA ARG B 501 4.25 -6.93 30.56
C ARG B 501 2.75 -7.15 30.47
N SER B 502 1.99 -6.51 31.35
CA SER B 502 0.57 -6.78 31.47
C SER B 502 -0.18 -6.52 30.18
N GLY B 503 -0.93 -7.51 29.72
CA GLY B 503 -1.94 -7.29 28.71
C GLY B 503 -1.42 -6.98 27.33
N MET B 504 -0.19 -7.39 27.02
CA MET B 504 0.34 -7.23 25.68
C MET B 504 -0.57 -7.91 24.66
N VAL B 505 -1.00 -7.13 23.66
CA VAL B 505 -2.06 -7.47 22.70
C VAL B 505 -3.40 -7.40 23.41
N GLN B 506 -4.17 -6.36 23.10
CA GLN B 506 -5.37 -6.03 23.84
C GLN B 506 -6.65 -6.66 23.29
N THR B 507 -6.79 -6.82 21.97
CA THR B 507 -8.10 -7.09 21.40
C THR B 507 -8.07 -8.26 20.43
N GLU B 508 -9.25 -8.79 20.15
CA GLU B 508 -9.35 -9.85 19.15
C GLU B 508 -9.01 -9.32 17.76
N ALA B 509 -9.35 -8.06 17.46
CA ALA B 509 -8.93 -7.47 16.18
C ALA B 509 -7.42 -7.51 16.03
N GLN B 510 -6.69 -7.17 17.10
CA GLN B 510 -5.23 -7.24 17.06
C GLN B 510 -4.75 -8.67 16.92
N TYR B 511 -5.40 -9.59 17.64
CA TYR B 511 -5.06 -11.01 17.51
C TYR B 511 -5.18 -11.47 16.06
N ARG B 512 -6.32 -11.21 15.43
CA ARG B 512 -6.48 -11.61 14.03
C ARG B 512 -5.46 -10.89 13.15
N PHE B 513 -5.17 -9.63 13.47
CA PHE B 513 -4.25 -8.86 12.63
C PHE B 513 -2.85 -9.48 12.67
N ILE B 514 -2.46 -10.01 13.82
CA ILE B 514 -1.17 -10.71 13.92
C ILE B 514 -1.14 -11.91 12.98
N TYR B 515 -2.21 -12.71 12.99
CA TYR B 515 -2.28 -13.85 12.09
C TYR B 515 -2.23 -13.40 10.63
N MET B 516 -2.95 -12.33 10.29
CA MET B 516 -2.96 -11.80 8.93
C MET B 516 -1.57 -11.34 8.49
N ALA B 517 -0.86 -10.65 9.38
CA ALA B 517 0.48 -10.15 9.06
C ALA B 517 1.46 -11.30 8.85
N VAL B 518 1.39 -12.33 9.68
CA VAL B 518 2.24 -13.51 9.49
C VAL B 518 1.90 -14.18 8.16
N GLN B 519 0.61 -14.33 7.86
CA GLN B 519 0.18 -14.90 6.58
C GLN B 519 0.72 -14.10 5.41
N HIS B 520 0.47 -12.78 5.42
CA HIS B 520 0.96 -11.89 4.37
C HIS B 520 2.48 -12.01 4.21
N TYR B 521 3.20 -12.02 5.34
CA TYR B 521 4.66 -12.15 5.27
C TYR B 521 5.07 -13.45 4.61
N ILE B 522 4.48 -14.57 5.04
CA ILE B 522 4.79 -15.86 4.42
C ILE B 522 4.49 -15.82 2.93
N GLU B 523 3.35 -15.27 2.54
CA GLU B 523 2.93 -15.30 1.14
C GLU B 523 3.88 -14.53 0.24
N THR B 524 4.60 -13.53 0.76
CA THR B 524 5.48 -12.71 -0.07
C THR B 524 6.94 -13.11 0.08
N LEU B 525 7.21 -14.31 0.59
CA LEU B 525 8.59 -14.80 0.65
C LEU B 525 9.14 -15.00 -0.75
C10 4Q4 C . 8.74 6.59 -38.34
C13 4Q4 C . 13.01 7.59 -38.59
C15 4Q4 C . 12.14 8.53 -38.30
C17 4Q4 C . 5.62 8.70 -39.17
C21 4Q4 C . 4.67 9.26 -37.14
C22 4Q4 C . 3.41 9.89 -36.52
C24 4Q4 C . 1.01 9.81 -36.31
C26 4Q4 C . 2.27 11.55 -35.26
C28 4Q4 C . 3.45 11.03 -35.77
C01 4Q4 C . 5.89 8.70 -34.93
C02 4Q4 C . 5.77 8.73 -36.46
C04 4Q4 C . 6.73 8.16 -38.49
C06 4Q4 C . 8.69 8.25 -40.22
C07 4Q4 C . 9.99 8.84 -39.70
C08 4Q4 C . 10.80 7.98 -38.87
C09 4Q4 C . 10.09 7.16 -37.89
C11 4Q4 C . 11.22 7.00 -40.01
C14 4Q4 C . 14.44 8.07 -38.66
C18 4Q4 C . 5.44 8.71 -40.69
C23 4Q4 C . 2.19 9.30 -36.81
C25 4Q4 C . 1.05 10.95 -35.52
N03 4Q4 C . 6.75 8.20 -37.17
N05 4Q4 C . 7.86 7.54 -39.16
N16 4Q4 C . 12.41 9.92 -38.94
N20 4Q4 C . 4.65 9.22 -38.46
O12 4Q4 C . 12.54 6.98 -40.00
O19 4Q4 C . 4.10 8.36 -40.90
CL27 4Q4 C . 2.30 13.00 -34.26
CL29 4Q4 C . 5.02 11.84 -35.42
CL CL D . -0.89 6.76 -13.95
CL CL E . 0.10 9.77 -46.56
C10 4Q4 F . -7.84 -23.56 20.26
C13 4Q4 F . -12.13 -23.99 21.00
C15 4Q4 F . -11.35 -23.66 22.01
C17 4Q4 F . -4.86 -24.32 22.58
C21 4Q4 F . -4.00 -22.30 23.30
C22 4Q4 F . -2.83 -21.66 24.02
C24 4Q4 F . -0.47 -21.29 24.05
C26 4Q4 F . -1.85 -20.39 25.79
C28 4Q4 F . -2.97 -20.95 25.21
C01 4Q4 F . -5.20 -20.08 22.74
C02 4Q4 F . -5.06 -21.61 22.71
C04 4Q4 F . -5.93 -23.63 21.98
C06 4Q4 F . -7.83 -25.41 21.94
C07 4Q4 F . -9.16 -24.92 22.49
C08 4Q4 F . -9.95 -24.13 21.55
C09 4Q4 F . -9.23 -23.15 20.76
C11 4Q4 F . -10.24 -25.30 20.58
C14 4Q4 F . -13.60 -24.20 21.37
C18 4Q4 F . -4.63 -25.82 22.53
C23 4Q4 F . -1.58 -21.83 23.45
C25 4Q4 F . -0.61 -20.57 25.23
N03 4Q4 F . -5.99 -22.31 22.08
N05 4Q4 F . -6.99 -24.31 21.27
N16 4Q4 F . -11.63 -24.37 23.37
N20 4Q4 F . -3.94 -23.63 23.21
O12 4Q4 F . -11.54 -25.37 20.43
O19 4Q4 F . -3.39 -25.92 21.90
CL27 4Q4 F . -2.03 -19.46 27.29
CL29 4Q4 F . -4.59 -20.72 25.94
#